data_2FI0
# 
_entry.id   2FI0 
# 
_audit_conform.dict_name       mmcif_pdbx.dic 
_audit_conform.dict_version    5.387 
_audit_conform.dict_location   http://mmcif.pdb.org/dictionaries/ascii/mmcif_pdbx.dic 
# 
loop_
_database_2.database_id 
_database_2.database_code 
_database_2.pdbx_database_accession 
_database_2.pdbx_DOI 
PDB   2FI0         pdb_00002fi0 10.2210/pdb2fi0/pdb 
RCSB  RCSB035900   ?            ?                   
WWPDB D_1000035900 ?            ?                   
# 
loop_
_pdbx_audit_revision_history.ordinal 
_pdbx_audit_revision_history.data_content_type 
_pdbx_audit_revision_history.major_revision 
_pdbx_audit_revision_history.minor_revision 
_pdbx_audit_revision_history.revision_date 
1 'Structure model' 1 0 2006-02-07 
2 'Structure model' 1 1 2008-05-01 
3 'Structure model' 1 2 2011-07-13 
4 'Structure model' 1 3 2022-04-13 
5 'Structure model' 1 4 2024-02-14 
# 
_pdbx_audit_revision_details.ordinal             1 
_pdbx_audit_revision_details.revision_ordinal    1 
_pdbx_audit_revision_details.data_content_type   'Structure model' 
_pdbx_audit_revision_details.provider            repository 
_pdbx_audit_revision_details.type                'Initial release' 
_pdbx_audit_revision_details.description         ? 
_pdbx_audit_revision_details.details             ? 
# 
loop_
_pdbx_audit_revision_group.ordinal 
_pdbx_audit_revision_group.revision_ordinal 
_pdbx_audit_revision_group.data_content_type 
_pdbx_audit_revision_group.group 
1 2 'Structure model' 'Version format compliance' 
2 3 'Structure model' Advisory                    
3 3 'Structure model' 'Source and taxonomy'       
4 3 'Structure model' 'Version format compliance' 
5 4 'Structure model' 'Database references'       
6 4 'Structure model' 'Structure summary'         
7 5 'Structure model' 'Data collection'           
# 
loop_
_pdbx_audit_revision_category.ordinal 
_pdbx_audit_revision_category.revision_ordinal 
_pdbx_audit_revision_category.data_content_type 
_pdbx_audit_revision_category.category 
1 4 'Structure model' audit_author    
2 4 'Structure model' citation_author 
3 4 'Structure model' database_2      
4 5 'Structure model' chem_comp_atom  
5 5 'Structure model' chem_comp_bond  
# 
loop_
_pdbx_audit_revision_item.ordinal 
_pdbx_audit_revision_item.revision_ordinal 
_pdbx_audit_revision_item.data_content_type 
_pdbx_audit_revision_item.item 
1 4 'Structure model' '_audit_author.identifier_ORCID'      
2 4 'Structure model' '_citation_author.identifier_ORCID'   
3 4 'Structure model' '_database_2.pdbx_DOI'                
4 4 'Structure model' '_database_2.pdbx_database_accession' 
# 
_pdbx_database_status.status_code                     REL 
_pdbx_database_status.entry_id                        2FI0 
_pdbx_database_status.recvd_initial_deposition_date   2005-12-27 
_pdbx_database_status.deposit_site                    RCSB 
_pdbx_database_status.process_site                    RCSB 
_pdbx_database_status.status_code_sf                  REL 
_pdbx_database_status.status_code_mr                  ? 
_pdbx_database_status.SG_entry                        Y 
_pdbx_database_status.pdb_format_compatible           Y 
_pdbx_database_status.status_code_cs                  ? 
_pdbx_database_status.status_code_nmr_data            ? 
_pdbx_database_status.methods_development_category    ? 
# 
_pdbx_database_related.db_name        TargetDB 
_pdbx_database_related.db_id          APC80285 
_pdbx_database_related.details        . 
_pdbx_database_related.content_type   unspecified 
# 
loop_
_audit_author.name 
_audit_author.pdbx_ordinal 
_audit_author.identifier_ORCID 
'Zhang, R.'                                     1 ?                   
'Li, H.'                                        2 ?                   
'Abdullah, J.'                                  3 ?                   
'Collart, F.'                                   4 ?                   
'Cymborowski, M.'                               5 ?                   
'Minor, W.'                                     6 0000-0001-7075-7090 
'Joachimiak, A.'                                7 ?                   
'Midwest Center for Structural Genomics (MCSG)' 8 ?                   
# 
_citation.id                        primary 
_citation.title                     'The crystal structure of the conserved domain protein from Streptococcus pneumoniae TIGR4' 
_citation.journal_abbrev            'To be Published' 
_citation.journal_volume            ? 
_citation.page_first                ? 
_citation.page_last                 ? 
_citation.year                      ? 
_citation.journal_id_ASTM           ? 
_citation.country                   ? 
_citation.journal_id_ISSN           ? 
_citation.journal_id_CSD            0353 
_citation.book_publisher            ? 
_citation.pdbx_database_id_PubMed   ? 
_citation.pdbx_database_id_DOI      ? 
# 
loop_
_citation_author.citation_id 
_citation_author.name 
_citation_author.ordinal 
_citation_author.identifier_ORCID 
primary 'Zhang, R.'       1 ?                   
primary 'Li, H.'          2 ?                   
primary 'Abdullah, J.'    3 ?                   
primary 'Collart, F.'     4 ?                   
primary 'Cymborowski, M.' 5 ?                   
primary 'Minor, W.'       6 0000-0001-7075-7090 
primary 'Joachimiak, A.'  7 ?                   
# 
loop_
_entity.id 
_entity.type 
_entity.src_method 
_entity.pdbx_description 
_entity.formula_weight 
_entity.pdbx_number_of_molecules 
_entity.pdbx_ec 
_entity.pdbx_mutation 
_entity.pdbx_fragment 
_entity.details 
1 polymer man 'conserved domain protein' 8865.405 1  ? ? ? ? 
2 water   nat water                      18.015   57 ? ? ? ? 
# 
_entity_poly.entity_id                      1 
_entity_poly.type                           'polypeptide(L)' 
_entity_poly.nstd_linkage                   no 
_entity_poly.nstd_monomer                   no 
_entity_poly.pdbx_seq_one_letter_code       
;MEVVMDNIIDVSIPVAEVVDKHPEVLEILVELGFKPLANPLMRNTVGRKVSLKQGSKLAGTPMDKIVRTLEANGYEVIGL
D
;
_entity_poly.pdbx_seq_one_letter_code_can   
;MEVVMDNIIDVSIPVAEVVDKHPEVLEILVELGFKPLANPLMRNTVGRKVSLKQGSKLAGTPMDKIVRTLEANGYEVIGL
D
;
_entity_poly.pdbx_strand_id                 A 
_entity_poly.pdbx_target_identifier         ' APC80285' 
# 
_pdbx_entity_nonpoly.entity_id   2 
_pdbx_entity_nonpoly.name        water 
_pdbx_entity_nonpoly.comp_id     HOH 
# 
loop_
_entity_poly_seq.entity_id 
_entity_poly_seq.num 
_entity_poly_seq.mon_id 
_entity_poly_seq.hetero 
1 1  MET n 
1 2  GLU n 
1 3  VAL n 
1 4  VAL n 
1 5  MET n 
1 6  ASP n 
1 7  ASN n 
1 8  ILE n 
1 9  ILE n 
1 10 ASP n 
1 11 VAL n 
1 12 SER n 
1 13 ILE n 
1 14 PRO n 
1 15 VAL n 
1 16 ALA n 
1 17 GLU n 
1 18 VAL n 
1 19 VAL n 
1 20 ASP n 
1 21 LYS n 
1 22 HIS n 
1 23 PRO n 
1 24 GLU n 
1 25 VAL n 
1 26 LEU n 
1 27 GLU n 
1 28 ILE n 
1 29 LEU n 
1 30 VAL n 
1 31 GLU n 
1 32 LEU n 
1 33 GLY n 
1 34 PHE n 
1 35 LYS n 
1 36 PRO n 
1 37 LEU n 
1 38 ALA n 
1 39 ASN n 
1 40 PRO n 
1 41 LEU n 
1 42 MET n 
1 43 ARG n 
1 44 ASN n 
1 45 THR n 
1 46 VAL n 
1 47 GLY n 
1 48 ARG n 
1 49 LYS n 
1 50 VAL n 
1 51 SER n 
1 52 LEU n 
1 53 LYS n 
1 54 GLN n 
1 55 GLY n 
1 56 SER n 
1 57 LYS n 
1 58 LEU n 
1 59 ALA n 
1 60 GLY n 
1 61 THR n 
1 62 PRO n 
1 63 MET n 
1 64 ASP n 
1 65 LYS n 
1 66 ILE n 
1 67 VAL n 
1 68 ARG n 
1 69 THR n 
1 70 LEU n 
1 71 GLU n 
1 72 ALA n 
1 73 ASN n 
1 74 GLY n 
1 75 TYR n 
1 76 GLU n 
1 77 VAL n 
1 78 ILE n 
1 79 GLY n 
1 80 LEU n 
1 81 ASP n 
# 
_entity_src_gen.entity_id                          1 
_entity_src_gen.pdbx_src_id                        1 
_entity_src_gen.pdbx_alt_source_flag               sample 
_entity_src_gen.pdbx_seq_type                      ? 
_entity_src_gen.pdbx_beg_seq_num                   ? 
_entity_src_gen.pdbx_end_seq_num                   ? 
_entity_src_gen.gene_src_common_name               ? 
_entity_src_gen.gene_src_genus                     Streptococcus 
_entity_src_gen.pdbx_gene_src_gene                 ? 
_entity_src_gen.gene_src_species                   'Streptococcus pneumoniae' 
_entity_src_gen.gene_src_strain                    TIGR4 
_entity_src_gen.gene_src_tissue                    ? 
_entity_src_gen.gene_src_tissue_fraction           ? 
_entity_src_gen.gene_src_details                   ? 
_entity_src_gen.pdbx_gene_src_fragment             ? 
_entity_src_gen.pdbx_gene_src_scientific_name      'Streptococcus pneumoniae' 
_entity_src_gen.pdbx_gene_src_ncbi_taxonomy_id     170187 
_entity_src_gen.pdbx_gene_src_variant              ? 
_entity_src_gen.pdbx_gene_src_cell_line            ? 
_entity_src_gen.pdbx_gene_src_atcc                 ? 
_entity_src_gen.pdbx_gene_src_organ                ? 
_entity_src_gen.pdbx_gene_src_organelle            ? 
_entity_src_gen.pdbx_gene_src_cell                 ? 
_entity_src_gen.pdbx_gene_src_cellular_location    ? 
_entity_src_gen.host_org_common_name               ? 
_entity_src_gen.pdbx_host_org_scientific_name      'Escherichia coli BL21' 
_entity_src_gen.pdbx_host_org_ncbi_taxonomy_id     511693 
_entity_src_gen.host_org_genus                     Escherichia 
_entity_src_gen.pdbx_host_org_gene                 ? 
_entity_src_gen.pdbx_host_org_organ                ? 
_entity_src_gen.host_org_species                   'Escherichia coli' 
_entity_src_gen.pdbx_host_org_tissue               ? 
_entity_src_gen.pdbx_host_org_tissue_fraction      ? 
_entity_src_gen.pdbx_host_org_strain               BL21 
_entity_src_gen.pdbx_host_org_variant              ? 
_entity_src_gen.pdbx_host_org_cell_line            ? 
_entity_src_gen.pdbx_host_org_atcc                 ? 
_entity_src_gen.pdbx_host_org_culture_collection   ? 
_entity_src_gen.pdbx_host_org_cell                 ? 
_entity_src_gen.pdbx_host_org_organelle            ? 
_entity_src_gen.pdbx_host_org_cellular_location    ? 
_entity_src_gen.pdbx_host_org_vector_type          Plasmid 
_entity_src_gen.pdbx_host_org_vector               ? 
_entity_src_gen.host_org_details                   ? 
_entity_src_gen.expression_system_id               ? 
_entity_src_gen.plasmid_name                       PDM68 
_entity_src_gen.plasmid_details                    ? 
_entity_src_gen.pdbx_description                   ? 
# 
loop_
_chem_comp.id 
_chem_comp.type 
_chem_comp.mon_nstd_flag 
_chem_comp.name 
_chem_comp.pdbx_synonyms 
_chem_comp.formula 
_chem_comp.formula_weight 
ALA 'L-peptide linking' y ALANINE         ? 'C3 H7 N O2'     89.093  
ARG 'L-peptide linking' y ARGININE        ? 'C6 H15 N4 O2 1' 175.209 
ASN 'L-peptide linking' y ASPARAGINE      ? 'C4 H8 N2 O3'    132.118 
ASP 'L-peptide linking' y 'ASPARTIC ACID' ? 'C4 H7 N O4'     133.103 
GLN 'L-peptide linking' y GLUTAMINE       ? 'C5 H10 N2 O3'   146.144 
GLU 'L-peptide linking' y 'GLUTAMIC ACID' ? 'C5 H9 N O4'     147.129 
GLY 'peptide linking'   y GLYCINE         ? 'C2 H5 N O2'     75.067  
HIS 'L-peptide linking' y HISTIDINE       ? 'C6 H10 N3 O2 1' 156.162 
HOH non-polymer         . WATER           ? 'H2 O'           18.015  
ILE 'L-peptide linking' y ISOLEUCINE      ? 'C6 H13 N O2'    131.173 
LEU 'L-peptide linking' y LEUCINE         ? 'C6 H13 N O2'    131.173 
LYS 'L-peptide linking' y LYSINE          ? 'C6 H15 N2 O2 1' 147.195 
MET 'L-peptide linking' y METHIONINE      ? 'C5 H11 N O2 S'  149.211 
PHE 'L-peptide linking' y PHENYLALANINE   ? 'C9 H11 N O2'    165.189 
PRO 'L-peptide linking' y PROLINE         ? 'C5 H9 N O2'     115.130 
SER 'L-peptide linking' y SERINE          ? 'C3 H7 N O3'     105.093 
THR 'L-peptide linking' y THREONINE       ? 'C4 H9 N O3'     119.119 
TYR 'L-peptide linking' y TYROSINE        ? 'C9 H11 N O3'    181.189 
VAL 'L-peptide linking' y VALINE          ? 'C5 H11 N O2'    117.146 
# 
loop_
_pdbx_poly_seq_scheme.asym_id 
_pdbx_poly_seq_scheme.entity_id 
_pdbx_poly_seq_scheme.seq_id 
_pdbx_poly_seq_scheme.mon_id 
_pdbx_poly_seq_scheme.ndb_seq_num 
_pdbx_poly_seq_scheme.pdb_seq_num 
_pdbx_poly_seq_scheme.auth_seq_num 
_pdbx_poly_seq_scheme.pdb_mon_id 
_pdbx_poly_seq_scheme.auth_mon_id 
_pdbx_poly_seq_scheme.pdb_strand_id 
_pdbx_poly_seq_scheme.pdb_ins_code 
_pdbx_poly_seq_scheme.hetero 
A 1 1  MET 1  1  ?  ?   ?   A . n 
A 1 2  GLU 2  2  ?  ?   ?   A . n 
A 1 3  VAL 3  3  3  VAL VAL A . n 
A 1 4  VAL 4  4  4  VAL VAL A . n 
A 1 5  MET 5  5  5  MET MET A . n 
A 1 6  ASP 6  6  6  ASP ASP A . n 
A 1 7  ASN 7  7  7  ASN ASN A . n 
A 1 8  ILE 8  8  8  ILE ILE A . n 
A 1 9  ILE 9  9  9  ILE ILE A . n 
A 1 10 ASP 10 10 10 ASP ASP A . n 
A 1 11 VAL 11 11 11 VAL VAL A . n 
A 1 12 SER 12 12 12 SER SER A . n 
A 1 13 ILE 13 13 13 ILE ILE A . n 
A 1 14 PRO 14 14 14 PRO PRO A . n 
A 1 15 VAL 15 15 15 VAL VAL A . n 
A 1 16 ALA 16 16 16 ALA ALA A . n 
A 1 17 GLU 17 17 17 GLU GLU A . n 
A 1 18 VAL 18 18 18 VAL VAL A . n 
A 1 19 VAL 19 19 19 VAL VAL A . n 
A 1 20 ASP 20 20 20 ASP ASP A . n 
A 1 21 LYS 21 21 21 LYS LYS A . n 
A 1 22 HIS 22 22 22 HIS HIS A . n 
A 1 23 PRO 23 23 23 PRO PRO A . n 
A 1 24 GLU 24 24 24 GLU GLU A . n 
A 1 25 VAL 25 25 25 VAL VAL A . n 
A 1 26 LEU 26 26 26 LEU LEU A . n 
A 1 27 GLU 27 27 27 GLU GLU A . n 
A 1 28 ILE 28 28 28 ILE ILE A . n 
A 1 29 LEU 29 29 29 LEU LEU A . n 
A 1 30 VAL 30 30 30 VAL VAL A . n 
A 1 31 GLU 31 31 31 GLU GLU A . n 
A 1 32 LEU 32 32 32 LEU LEU A . n 
A 1 33 GLY 33 33 33 GLY GLY A . n 
A 1 34 PHE 34 34 34 PHE PHE A . n 
A 1 35 LYS 35 35 35 LYS LYS A . n 
A 1 36 PRO 36 36 36 PRO PRO A . n 
A 1 37 LEU 37 37 37 LEU LEU A . n 
A 1 38 ALA 38 38 38 ALA ALA A . n 
A 1 39 ASN 39 39 39 ASN ASN A . n 
A 1 40 PRO 40 40 40 PRO PRO A . n 
A 1 41 LEU 41 41 41 LEU LEU A . n 
A 1 42 MET 42 42 42 MET MET A . n 
A 1 43 ARG 43 43 43 ARG ARG A . n 
A 1 44 ASN 44 44 44 ASN ASN A . n 
A 1 45 THR 45 45 45 THR THR A . n 
A 1 46 VAL 46 46 46 VAL VAL A . n 
A 1 47 GLY 47 47 47 GLY GLY A . n 
A 1 48 ARG 48 48 48 ARG ARG A . n 
A 1 49 LYS 49 49 49 LYS LYS A . n 
A 1 50 VAL 50 50 50 VAL VAL A . n 
A 1 51 SER 51 51 51 SER SER A . n 
A 1 52 LEU 52 52 52 LEU LEU A . n 
A 1 53 LYS 53 53 53 LYS LYS A . n 
A 1 54 GLN 54 54 54 GLN GLN A . n 
A 1 55 GLY 55 55 55 GLY GLY A . n 
A 1 56 SER 56 56 56 SER SER A . n 
A 1 57 LYS 57 57 57 LYS LYS A . n 
A 1 58 LEU 58 58 58 LEU LEU A . n 
A 1 59 ALA 59 59 59 ALA ALA A . n 
A 1 60 GLY 60 60 60 GLY GLY A . n 
A 1 61 THR 61 61 61 THR THR A . n 
A 1 62 PRO 62 62 62 PRO PRO A . n 
A 1 63 MET 63 63 63 MET MET A . n 
A 1 64 ASP 64 64 64 ASP ASP A . n 
A 1 65 LYS 65 65 65 LYS LYS A . n 
A 1 66 ILE 66 66 66 ILE ILE A . n 
A 1 67 VAL 67 67 67 VAL VAL A . n 
A 1 68 ARG 68 68 68 ARG ARG A . n 
A 1 69 THR 69 69 69 THR THR A . n 
A 1 70 LEU 70 70 70 LEU LEU A . n 
A 1 71 GLU 71 71 71 GLU GLU A . n 
A 1 72 ALA 72 72 72 ALA ALA A . n 
A 1 73 ASN 73 73 73 ASN ASN A . n 
A 1 74 GLY 74 74 74 GLY GLY A . n 
A 1 75 TYR 75 75 75 TYR TYR A . n 
A 1 76 GLU 76 76 76 GLU GLU A . n 
A 1 77 VAL 77 77 77 VAL VAL A . n 
A 1 78 ILE 78 78 78 ILE ILE A . n 
A 1 79 GLY 79 79 79 GLY GLY A . n 
A 1 80 LEU 80 80 80 LEU LEU A . n 
A 1 81 ASP 81 81 81 ASP ASP A . n 
# 
loop_
_pdbx_nonpoly_scheme.asym_id 
_pdbx_nonpoly_scheme.entity_id 
_pdbx_nonpoly_scheme.mon_id 
_pdbx_nonpoly_scheme.ndb_seq_num 
_pdbx_nonpoly_scheme.pdb_seq_num 
_pdbx_nonpoly_scheme.auth_seq_num 
_pdbx_nonpoly_scheme.pdb_mon_id 
_pdbx_nonpoly_scheme.auth_mon_id 
_pdbx_nonpoly_scheme.pdb_strand_id 
_pdbx_nonpoly_scheme.pdb_ins_code 
B 2 HOH 1  82  1  HOH HOH A . 
B 2 HOH 2  83  2  HOH HOH A . 
B 2 HOH 3  84  3  HOH HOH A . 
B 2 HOH 4  85  4  HOH HOH A . 
B 2 HOH 5  86  5  HOH HOH A . 
B 2 HOH 6  87  6  HOH HOH A . 
B 2 HOH 7  88  7  HOH HOH A . 
B 2 HOH 8  89  8  HOH HOH A . 
B 2 HOH 9  90  9  HOH HOH A . 
B 2 HOH 10 91  10 HOH HOH A . 
B 2 HOH 11 92  11 HOH HOH A . 
B 2 HOH 12 93  12 HOH HOH A . 
B 2 HOH 13 94  13 HOH HOH A . 
B 2 HOH 14 95  14 HOH HOH A . 
B 2 HOH 15 96  15 HOH HOH A . 
B 2 HOH 16 97  16 HOH HOH A . 
B 2 HOH 17 98  17 HOH HOH A . 
B 2 HOH 18 99  19 HOH HOH A . 
B 2 HOH 19 100 20 HOH HOH A . 
B 2 HOH 20 101 21 HOH HOH A . 
B 2 HOH 21 102 22 HOH HOH A . 
B 2 HOH 22 103 24 HOH HOH A . 
B 2 HOH 23 104 25 HOH HOH A . 
B 2 HOH 24 105 26 HOH HOH A . 
B 2 HOH 25 106 27 HOH HOH A . 
B 2 HOH 26 107 28 HOH HOH A . 
B 2 HOH 27 108 29 HOH HOH A . 
B 2 HOH 28 109 30 HOH HOH A . 
B 2 HOH 29 110 31 HOH HOH A . 
B 2 HOH 30 111 32 HOH HOH A . 
B 2 HOH 31 112 34 HOH HOH A . 
B 2 HOH 32 113 35 HOH HOH A . 
B 2 HOH 33 114 36 HOH HOH A . 
B 2 HOH 34 115 37 HOH HOH A . 
B 2 HOH 35 116 38 HOH HOH A . 
B 2 HOH 36 117 39 HOH HOH A . 
B 2 HOH 37 118 40 HOH HOH A . 
B 2 HOH 38 119 41 HOH HOH A . 
B 2 HOH 39 120 42 HOH HOH A . 
B 2 HOH 40 121 43 HOH HOH A . 
B 2 HOH 41 122 44 HOH HOH A . 
B 2 HOH 42 123 45 HOH HOH A . 
B 2 HOH 43 124 47 HOH HOH A . 
B 2 HOH 44 125 48 HOH HOH A . 
B 2 HOH 45 126 49 HOH HOH A . 
B 2 HOH 46 127 50 HOH HOH A . 
B 2 HOH 47 128 51 HOH HOH A . 
B 2 HOH 48 129 52 HOH HOH A . 
B 2 HOH 49 130 53 HOH HOH A . 
B 2 HOH 50 131 55 HOH HOH A . 
B 2 HOH 51 132 56 HOH HOH A . 
B 2 HOH 52 133 57 HOH HOH A . 
B 2 HOH 53 134 58 HOH HOH A . 
B 2 HOH 54 135 59 HOH HOH A . 
B 2 HOH 55 136 60 HOH HOH A . 
B 2 HOH 56 137 61 HOH HOH A . 
B 2 HOH 57 138 62 HOH HOH A . 
# 
loop_
_software.name 
_software.classification 
_software.version 
_software.citation_id 
_software.pdbx_ordinal 
REFMAC      refinement        5.2.0005 ? 1 
SBC-Collect 'data collection' .        ? 2 
HKL-2000    'data scaling'    .        ? 3 
# 
_cell.entry_id           2FI0 
_cell.length_a           92.420 
_cell.length_b           92.420 
_cell.length_c           41.343 
_cell.angle_alpha        90.00 
_cell.angle_beta         90.00 
_cell.angle_gamma        120.00 
_cell.Z_PDB              9 
_cell.pdbx_unique_axis   ? 
_cell.length_a_esd       ? 
_cell.length_b_esd       ? 
_cell.length_c_esd       ? 
_cell.angle_alpha_esd    ? 
_cell.angle_beta_esd     ? 
_cell.angle_gamma_esd    ? 
# 
_symmetry.entry_id                         2FI0 
_symmetry.space_group_name_H-M             'H 3' 
_symmetry.pdbx_full_space_group_name_H-M   ? 
_symmetry.cell_setting                     ? 
_symmetry.Int_Tables_number                146 
_symmetry.space_group_name_Hall            ? 
# 
_exptl.entry_id          2FI0 
_exptl.method            'X-RAY DIFFRACTION' 
_exptl.crystals_number   1 
# 
_exptl_crystal.id                    1 
_exptl_crystal.density_meas          ? 
_exptl_crystal.density_Matthews      3.83 
_exptl_crystal.density_percent_sol   67.89 
_exptl_crystal.description           ? 
_exptl_crystal.F_000                 ? 
_exptl_crystal.preparation           ? 
# 
_exptl_crystal_grow.crystal_id      1 
_exptl_crystal_grow.method          'VAPOR DIFFUSION, SITTING DROP' 
_exptl_crystal_grow.temp            287 
_exptl_crystal_grow.temp_details    ? 
_exptl_crystal_grow.pH              7.0 
_exptl_crystal_grow.pdbx_details    
'2.5 M NaCl, 0.1M Tris-HCl, 0.2M MgCl2, pH 7.0, VAPOR DIFFUSION, SITTING DROP, temperature 287K' 
_exptl_crystal_grow.pdbx_pH_range   . 
# 
_diffrn.id                     1 
_diffrn.ambient_temp           100 
_diffrn.ambient_temp_details   ? 
_diffrn.crystal_id             1 
# 
_diffrn_detector.diffrn_id              1 
_diffrn_detector.detector               CCD 
_diffrn_detector.type                   'ADSC QUANTUM 315' 
_diffrn_detector.pdbx_collection_date   2005-02-18 
_diffrn_detector.details                mirrors 
# 
_diffrn_radiation.diffrn_id                        1 
_diffrn_radiation.wavelength_id                    1 
_diffrn_radiation.pdbx_monochromatic_or_laue_m_l   M 
_diffrn_radiation.monochromator                    'Si 111 channel' 
_diffrn_radiation.pdbx_diffrn_protocol             'SINGLE WAVELENGTH' 
_diffrn_radiation.pdbx_scattering_type             x-ray 
# 
_diffrn_radiation_wavelength.id           1 
_diffrn_radiation_wavelength.wavelength   0.9798 
_diffrn_radiation_wavelength.wt           1.0 
# 
_diffrn_source.diffrn_id                   1 
_diffrn_source.source                      SYNCHROTRON 
_diffrn_source.type                        'APS BEAMLINE 19-ID' 
_diffrn_source.pdbx_synchrotron_site       APS 
_diffrn_source.pdbx_synchrotron_beamline   19-ID 
_diffrn_source.pdbx_wavelength             ? 
_diffrn_source.pdbx_wavelength_list        0.9798 
# 
_reflns.entry_id                     2FI0 
_reflns.observed_criterion_sigma_I   2.0 
_reflns.observed_criterion_sigma_F   2.0 
_reflns.d_resolution_low             50 
_reflns.d_resolution_high            2.1 
_reflns.number_obs                   6747 
_reflns.number_all                   7362 
_reflns.percent_possible_obs         91.64 
_reflns.pdbx_Rmerge_I_obs            0.057 
_reflns.pdbx_Rsym_value              ? 
_reflns.pdbx_netI_over_sigmaI        13.77 
_reflns.B_iso_Wilson_estimate        44 
_reflns.pdbx_redundancy              3.0 
_reflns.R_free_details               ? 
_reflns.limit_h_max                  ? 
_reflns.limit_h_min                  ? 
_reflns.limit_k_max                  ? 
_reflns.limit_k_min                  ? 
_reflns.limit_l_max                  ? 
_reflns.limit_l_min                  ? 
_reflns.observed_criterion_F_max     ? 
_reflns.observed_criterion_F_min     ? 
_reflns.pdbx_chi_squared             ? 
_reflns.pdbx_scaling_rejects         ? 
_reflns.pdbx_ordinal                 1 
_reflns.pdbx_diffrn_id               1 
# 
_reflns_shell.d_res_high             2.1 
_reflns_shell.d_res_low              2.18 
_reflns_shell.percent_possible_all   43.5 
_reflns_shell.Rmerge_I_obs           0.155 
_reflns_shell.pdbx_Rsym_value        ? 
_reflns_shell.meanI_over_sigI_obs    3.2 
_reflns_shell.pdbx_redundancy        1.3 
_reflns_shell.percent_possible_obs   ? 
_reflns_shell.number_unique_all      1572 
_reflns_shell.number_measured_all    ? 
_reflns_shell.number_measured_obs    ? 
_reflns_shell.number_unique_obs      ? 
_reflns_shell.pdbx_chi_squared       ? 
_reflns_shell.pdbx_ordinal           1 
_reflns_shell.pdbx_diffrn_id         1 
# 
_refine.entry_id                                 2FI0 
_refine.ls_number_reflns_obs                     6747 
_refine.ls_number_reflns_all                     7362 
_refine.pdbx_ls_sigma_I                          ? 
_refine.pdbx_ls_sigma_F                          0.0 
_refine.pdbx_data_cutoff_high_absF               ? 
_refine.pdbx_data_cutoff_low_absF                ? 
_refine.pdbx_data_cutoff_high_rms_absF           ? 
_refine.ls_d_res_low                             46.23 
_refine.ls_d_res_high                            2.10 
_refine.ls_percent_reflns_obs                    91.64 
_refine.ls_R_factor_obs                          0.20438 
_refine.ls_R_factor_all                          ? 
_refine.ls_R_factor_R_work                       0.20281 
_refine.ls_R_factor_R_free                       0.23627 
_refine.ls_R_factor_R_free_error                 ? 
_refine.ls_R_factor_R_free_error_details         ? 
_refine.ls_percent_reflns_R_free                 4.5 
_refine.ls_number_reflns_R_free                  319 
_refine.ls_number_parameters                     ? 
_refine.ls_number_restraints                     ? 
_refine.occupancy_min                            ? 
_refine.occupancy_max                            ? 
_refine.correlation_coeff_Fo_to_Fc               0.957 
_refine.correlation_coeff_Fo_to_Fc_free          0.943 
_refine.B_iso_mean                               43.344 
_refine.aniso_B[1][1]                            -0.56 
_refine.aniso_B[2][2]                            -0.56 
_refine.aniso_B[3][3]                            0.84 
_refine.aniso_B[1][2]                            -0.28 
_refine.aniso_B[1][3]                            0.00 
_refine.aniso_B[2][3]                            0.00 
_refine.solvent_model_details                    MASK 
_refine.solvent_model_param_ksol                 ? 
_refine.solvent_model_param_bsol                 ? 
_refine.pdbx_solvent_vdw_probe_radii             1.20 
_refine.pdbx_solvent_ion_probe_radii             0.80 
_refine.pdbx_solvent_shrinkage_radii             0.80 
_refine.pdbx_ls_cross_valid_method               THROUGHOUT 
_refine.details                                  'HYDROGENS HAVE BEEN ADDED IN THE RIDING POSITIONS' 
_refine.pdbx_starting_model                      ? 
_refine.pdbx_method_to_determine_struct          SAD 
_refine.pdbx_isotropic_thermal_model             ? 
_refine.pdbx_stereochemistry_target_values       'MAXIMUM LIKELIHOOD WITH PHASES' 
_refine.pdbx_stereochem_target_val_spec_case     ? 
_refine.pdbx_R_Free_selection_details            RANDOM 
_refine.pdbx_overall_ESU_R                       0.178 
_refine.pdbx_overall_ESU_R_Free                  0.162 
_refine.overall_SU_ML                            0.131 
_refine.overall_SU_B                             8.944 
_refine.ls_redundancy_reflns_obs                 ? 
_refine.B_iso_min                                ? 
_refine.B_iso_max                                ? 
_refine.overall_SU_R_Cruickshank_DPI             ? 
_refine.overall_SU_R_free                        ? 
_refine.ls_wR_factor_R_free                      ? 
_refine.ls_wR_factor_R_work                      ? 
_refine.overall_FOM_free_R_set                   ? 
_refine.overall_FOM_work_R_set                   ? 
_refine.pdbx_refine_id                           'X-RAY DIFFRACTION' 
_refine.pdbx_TLS_residual_ADP_flag               'LIKELY RESIDUAL' 
_refine.pdbx_diffrn_id                           1 
_refine.pdbx_overall_phase_error                 ? 
_refine.pdbx_overall_SU_R_free_Cruickshank_DPI   ? 
_refine.pdbx_overall_SU_R_Blow_DPI               ? 
_refine.pdbx_overall_SU_R_free_Blow_DPI          ? 
# 
_refine_analyze.entry_id                        2FI0 
_refine_analyze.Luzzati_coordinate_error_obs    0.034 
_refine_analyze.Luzzati_sigma_a_obs             0.035 
_refine_analyze.Luzzati_d_res_low_obs           6.0 
_refine_analyze.Luzzati_coordinate_error_free   0.038 
_refine_analyze.Luzzati_sigma_a_free            0.5 
_refine_analyze.Luzzati_d_res_low_free          ? 
_refine_analyze.number_disordered_residues      ? 
_refine_analyze.occupancy_sum_hydrogen          ? 
_refine_analyze.occupancy_sum_non_hydrogen      ? 
_refine_analyze.pdbx_Luzzati_d_res_high_obs     ? 
_refine_analyze.pdbx_refine_id                  'X-RAY DIFFRACTION' 
# 
_refine_hist.pdbx_refine_id                   'X-RAY DIFFRACTION' 
_refine_hist.cycle_id                         LAST 
_refine_hist.pdbx_number_atoms_protein        601 
_refine_hist.pdbx_number_atoms_nucleic_acid   0 
_refine_hist.pdbx_number_atoms_ligand         0 
_refine_hist.number_atoms_solvent             57 
_refine_hist.number_atoms_total               658 
_refine_hist.d_res_high                       2.10 
_refine_hist.d_res_low                        46.23 
# 
loop_
_refine_ls_restr.type 
_refine_ls_restr.dev_ideal 
_refine_ls_restr.dev_ideal_target 
_refine_ls_restr.weight 
_refine_ls_restr.number 
_refine_ls_restr.pdbx_refine_id 
_refine_ls_restr.pdbx_restraint_function 
r_bond_refined_d         0.011  0.022  ? 608  'X-RAY DIFFRACTION' ? 
r_bond_other_d           0.001  0.020  ? 605  'X-RAY DIFFRACTION' ? 
r_angle_refined_deg      1.277  2.014  ? 824  'X-RAY DIFFRACTION' ? 
r_angle_other_deg        0.854  3.000  ? 1411 'X-RAY DIFFRACTION' ? 
r_dihedral_angle_1_deg   4.811  5.000  ? 78   'X-RAY DIFFRACTION' ? 
r_dihedral_angle_2_deg   37.672 25.909 ? 22   'X-RAY DIFFRACTION' ? 
r_dihedral_angle_3_deg   17.702 15.000 ? 116  'X-RAY DIFFRACTION' ? 
r_dihedral_angle_4_deg   22.807 15.000 ? 3    'X-RAY DIFFRACTION' ? 
r_chiral_restr           0.071  0.200  ? 103  'X-RAY DIFFRACTION' ? 
r_gen_planes_refined     0.003  0.020  ? 651  'X-RAY DIFFRACTION' ? 
r_gen_planes_other       0.001  0.020  ? 96   'X-RAY DIFFRACTION' ? 
r_nbd_refined            0.192  0.200  ? 140  'X-RAY DIFFRACTION' ? 
r_nbd_other              0.178  0.200  ? 632  'X-RAY DIFFRACTION' ? 
r_nbtor_refined          0.159  0.200  ? 310  'X-RAY DIFFRACTION' ? 
r_nbtor_other            0.083  0.200  ? 355  'X-RAY DIFFRACTION' ? 
r_xyhbond_nbd_refined    0.169  0.200  ? 39   'X-RAY DIFFRACTION' ? 
r_symmetry_vdw_refined   0.155  0.200  ? 5    'X-RAY DIFFRACTION' ? 
r_symmetry_vdw_other     0.178  0.200  ? 16   'X-RAY DIFFRACTION' ? 
r_symmetry_hbond_refined 0.066  0.200  ? 3    'X-RAY DIFFRACTION' ? 
r_mcbond_it              0.783  1.500  ? 511  'X-RAY DIFFRACTION' ? 
r_mcbond_other           0.106  1.500  ? 161  'X-RAY DIFFRACTION' ? 
r_mcangle_it             0.968  2.000  ? 643  'X-RAY DIFFRACTION' ? 
r_scbond_it              1.706  3.000  ? 232  'X-RAY DIFFRACTION' ? 
r_scangle_it             2.620  4.500  ? 181  'X-RAY DIFFRACTION' ? 
# 
_refine_ls_shell.pdbx_total_number_of_bins_used   20 
_refine_ls_shell.d_res_high                       2.100 
_refine_ls_shell.d_res_low                        2.154 
_refine_ls_shell.number_reflns_R_work             308 
_refine_ls_shell.R_factor_R_work                  0.209 
_refine_ls_shell.percent_reflns_obs               53.16 
_refine_ls_shell.R_factor_R_free                  0.225 
_refine_ls_shell.R_factor_R_free_error            ? 
_refine_ls_shell.percent_reflns_R_free            ? 
_refine_ls_shell.number_reflns_R_free             12 
_refine_ls_shell.number_reflns_all                ? 
_refine_ls_shell.R_factor_all                     ? 
_refine_ls_shell.number_reflns_obs                ? 
_refine_ls_shell.redundancy_reflns_obs            ? 
_refine_ls_shell.pdbx_refine_id                   'X-RAY DIFFRACTION' 
# 
_struct.entry_id                  2FI0 
_struct.title                     'The crystal structure of the conserved domain protein from Streptococcus pneumoniae TIGR4' 
_struct.pdbx_model_details        ? 
_struct.pdbx_CASP_flag            ? 
_struct.pdbx_model_type_details   ? 
# 
_struct_keywords.entry_id        2FI0 
_struct_keywords.pdbx_keywords   'STRUCTURAL GENOMICS, UNKNOWN FUNCTION' 
_struct_keywords.text            
;Structural genomics, Streptococcus pneumoniae, PSI, Protein Structure Initiative, Midwest Center for Structural Genomics, MCSG, UNKNOWN FUNCTION
;
# 
loop_
_struct_asym.id 
_struct_asym.pdbx_blank_PDB_chainid_flag 
_struct_asym.pdbx_modified 
_struct_asym.entity_id 
_struct_asym.details 
A N N 1 ? 
B N N 2 ? 
# 
_struct_ref.id                         1 
_struct_ref.db_name                    GB 
_struct_ref.db_code                    AAK74717 
_struct_ref.pdbx_db_accession          14972036 
_struct_ref.entity_id                  1 
_struct_ref.pdbx_seq_one_letter_code   
;MEVVMDNIIDVSIPVAEVVDKHPEVLEILVELGFKPLANPLMRNTVGRKVSLKQGSKLAGTPMDKIVRTLEANGYEVIGL
D
;
_struct_ref.pdbx_align_begin           1 
_struct_ref.pdbx_db_isoform            ? 
# 
_struct_ref_seq.align_id                      1 
_struct_ref_seq.ref_id                        1 
_struct_ref_seq.pdbx_PDB_id_code              2FI0 
_struct_ref_seq.pdbx_strand_id                A 
_struct_ref_seq.seq_align_beg                 1 
_struct_ref_seq.pdbx_seq_align_beg_ins_code   ? 
_struct_ref_seq.seq_align_end                 81 
_struct_ref_seq.pdbx_seq_align_end_ins_code   ? 
_struct_ref_seq.pdbx_db_accession             14972036 
_struct_ref_seq.db_align_beg                  1 
_struct_ref_seq.pdbx_db_align_beg_ins_code    ? 
_struct_ref_seq.db_align_end                  81 
_struct_ref_seq.pdbx_db_align_end_ins_code    ? 
_struct_ref_seq.pdbx_auth_seq_align_beg       1 
_struct_ref_seq.pdbx_auth_seq_align_end       81 
# 
_pdbx_struct_assembly.id                   1 
_pdbx_struct_assembly.details              author_defined_assembly 
_pdbx_struct_assembly.method_details       ? 
_pdbx_struct_assembly.oligomeric_details   monomeric 
_pdbx_struct_assembly.oligomeric_count     1 
# 
_pdbx_struct_assembly_gen.assembly_id       1 
_pdbx_struct_assembly_gen.oper_expression   1 
_pdbx_struct_assembly_gen.asym_id_list      A,B 
# 
_pdbx_struct_oper_list.id                   1 
_pdbx_struct_oper_list.type                 'identity operation' 
_pdbx_struct_oper_list.name                 1_555 
_pdbx_struct_oper_list.symmetry_operation   x,y,z 
_pdbx_struct_oper_list.matrix[1][1]         1.0000000000 
_pdbx_struct_oper_list.matrix[1][2]         0.0000000000 
_pdbx_struct_oper_list.matrix[1][3]         0.0000000000 
_pdbx_struct_oper_list.vector[1]            0.0000000000 
_pdbx_struct_oper_list.matrix[2][1]         0.0000000000 
_pdbx_struct_oper_list.matrix[2][2]         1.0000000000 
_pdbx_struct_oper_list.matrix[2][3]         0.0000000000 
_pdbx_struct_oper_list.vector[2]            0.0000000000 
_pdbx_struct_oper_list.matrix[3][1]         0.0000000000 
_pdbx_struct_oper_list.matrix[3][2]         0.0000000000 
_pdbx_struct_oper_list.matrix[3][3]         1.0000000000 
_pdbx_struct_oper_list.vector[3]            0.0000000000 
# 
_struct_biol.id   1 
# 
loop_
_struct_conf.conf_type_id 
_struct_conf.id 
_struct_conf.pdbx_PDB_helix_id 
_struct_conf.beg_label_comp_id 
_struct_conf.beg_label_asym_id 
_struct_conf.beg_label_seq_id 
_struct_conf.pdbx_beg_PDB_ins_code 
_struct_conf.end_label_comp_id 
_struct_conf.end_label_asym_id 
_struct_conf.end_label_seq_id 
_struct_conf.pdbx_end_PDB_ins_code 
_struct_conf.beg_auth_comp_id 
_struct_conf.beg_auth_asym_id 
_struct_conf.beg_auth_seq_id 
_struct_conf.end_auth_comp_id 
_struct_conf.end_auth_asym_id 
_struct_conf.end_auth_seq_id 
_struct_conf.pdbx_PDB_helix_class 
_struct_conf.details 
_struct_conf.pdbx_PDB_helix_length 
HELX_P HELX_P1 1 PRO A 14 ? HIS A 22 ? PRO A 14 HIS A 22 1 ? 9  
HELX_P HELX_P2 2 VAL A 25 ? VAL A 30 ? VAL A 25 VAL A 30 1 ? 6  
HELX_P HELX_P3 3 PHE A 34 ? ALA A 38 ? PHE A 34 ALA A 38 5 ? 5  
HELX_P HELX_P4 4 ASN A 39 ? ASN A 44 ? ASN A 39 ASN A 44 1 ? 6  
HELX_P HELX_P5 5 THR A 45 ? VAL A 50 ? THR A 45 VAL A 50 1 ? 6  
HELX_P HELX_P6 6 SER A 51 ? GLY A 60 ? SER A 51 GLY A 60 1 ? 10 
HELX_P HELX_P7 7 PRO A 62 ? ASN A 73 ? PRO A 62 ASN A 73 1 ? 12 
# 
_struct_conf_type.id          HELX_P 
_struct_conf_type.criteria    ? 
_struct_conf_type.reference   ? 
# 
_struct_sheet.id               A 
_struct_sheet.type             ? 
_struct_sheet.number_strands   2 
_struct_sheet.details          ? 
# 
_struct_sheet_order.sheet_id     A 
_struct_sheet_order.range_id_1   1 
_struct_sheet_order.range_id_2   2 
_struct_sheet_order.offset       ? 
_struct_sheet_order.sense        parallel 
# 
loop_
_struct_sheet_range.sheet_id 
_struct_sheet_range.id 
_struct_sheet_range.beg_label_comp_id 
_struct_sheet_range.beg_label_asym_id 
_struct_sheet_range.beg_label_seq_id 
_struct_sheet_range.pdbx_beg_PDB_ins_code 
_struct_sheet_range.end_label_comp_id 
_struct_sheet_range.end_label_asym_id 
_struct_sheet_range.end_label_seq_id 
_struct_sheet_range.pdbx_end_PDB_ins_code 
_struct_sheet_range.beg_auth_comp_id 
_struct_sheet_range.beg_auth_asym_id 
_struct_sheet_range.beg_auth_seq_id 
_struct_sheet_range.end_auth_comp_id 
_struct_sheet_range.end_auth_asym_id 
_struct_sheet_range.end_auth_seq_id 
A 1 ILE A 8  ? ASP A 10 ? ILE A 8  ASP A 10 
A 2 GLU A 76 ? ILE A 78 ? GLU A 76 ILE A 78 
# 
_pdbx_struct_sheet_hbond.sheet_id                A 
_pdbx_struct_sheet_hbond.range_id_1              1 
_pdbx_struct_sheet_hbond.range_id_2              2 
_pdbx_struct_sheet_hbond.range_1_label_atom_id   N 
_pdbx_struct_sheet_hbond.range_1_label_comp_id   ILE 
_pdbx_struct_sheet_hbond.range_1_label_asym_id   A 
_pdbx_struct_sheet_hbond.range_1_label_seq_id    9 
_pdbx_struct_sheet_hbond.range_1_PDB_ins_code    ? 
_pdbx_struct_sheet_hbond.range_1_auth_atom_id    N 
_pdbx_struct_sheet_hbond.range_1_auth_comp_id    ILE 
_pdbx_struct_sheet_hbond.range_1_auth_asym_id    A 
_pdbx_struct_sheet_hbond.range_1_auth_seq_id     9 
_pdbx_struct_sheet_hbond.range_2_label_atom_id   O 
_pdbx_struct_sheet_hbond.range_2_label_comp_id   ILE 
_pdbx_struct_sheet_hbond.range_2_label_asym_id   A 
_pdbx_struct_sheet_hbond.range_2_label_seq_id    78 
_pdbx_struct_sheet_hbond.range_2_PDB_ins_code    ? 
_pdbx_struct_sheet_hbond.range_2_auth_atom_id    O 
_pdbx_struct_sheet_hbond.range_2_auth_comp_id    ILE 
_pdbx_struct_sheet_hbond.range_2_auth_asym_id    A 
_pdbx_struct_sheet_hbond.range_2_auth_seq_id     78 
# 
loop_
_pdbx_validate_rmsd_angle.id 
_pdbx_validate_rmsd_angle.PDB_model_num 
_pdbx_validate_rmsd_angle.auth_atom_id_1 
_pdbx_validate_rmsd_angle.auth_asym_id_1 
_pdbx_validate_rmsd_angle.auth_comp_id_1 
_pdbx_validate_rmsd_angle.auth_seq_id_1 
_pdbx_validate_rmsd_angle.PDB_ins_code_1 
_pdbx_validate_rmsd_angle.label_alt_id_1 
_pdbx_validate_rmsd_angle.auth_atom_id_2 
_pdbx_validate_rmsd_angle.auth_asym_id_2 
_pdbx_validate_rmsd_angle.auth_comp_id_2 
_pdbx_validate_rmsd_angle.auth_seq_id_2 
_pdbx_validate_rmsd_angle.PDB_ins_code_2 
_pdbx_validate_rmsd_angle.label_alt_id_2 
_pdbx_validate_rmsd_angle.auth_atom_id_3 
_pdbx_validate_rmsd_angle.auth_asym_id_3 
_pdbx_validate_rmsd_angle.auth_comp_id_3 
_pdbx_validate_rmsd_angle.auth_seq_id_3 
_pdbx_validate_rmsd_angle.PDB_ins_code_3 
_pdbx_validate_rmsd_angle.label_alt_id_3 
_pdbx_validate_rmsd_angle.angle_value 
_pdbx_validate_rmsd_angle.angle_target_value 
_pdbx_validate_rmsd_angle.angle_deviation 
_pdbx_validate_rmsd_angle.angle_standard_deviation 
_pdbx_validate_rmsd_angle.linker_flag 
1 1 NE A ARG 68 ? ? CZ A ARG 68 ? ? NH1 A ARG 68 ? ? 123.87 120.30 3.57  0.50 N 
2 1 NE A ARG 68 ? ? CZ A ARG 68 ? ? NH2 A ARG 68 ? ? 116.32 120.30 -3.98 0.50 N 
# 
loop_
_pdbx_validate_torsion.id 
_pdbx_validate_torsion.PDB_model_num 
_pdbx_validate_torsion.auth_comp_id 
_pdbx_validate_torsion.auth_asym_id 
_pdbx_validate_torsion.auth_seq_id 
_pdbx_validate_torsion.PDB_ins_code 
_pdbx_validate_torsion.label_alt_id 
_pdbx_validate_torsion.phi 
_pdbx_validate_torsion.psi 
1 1 MET A 5  ? ? -138.23 -40.76 
2 1 THR A 45 ? ? -111.92 -79.48 
# 
_pdbx_SG_project.id                    1 
_pdbx_SG_project.project_name          'PSI, Protein Structure Initiative' 
_pdbx_SG_project.full_name_of_center   'Midwest Center for Structural Genomics' 
_pdbx_SG_project.initial_of_center     MCSG 
# 
_pdbx_refine_tls.id               1 
_pdbx_refine_tls.details          ? 
_pdbx_refine_tls.method           refined 
_pdbx_refine_tls.origin_x         0.1403 
_pdbx_refine_tls.origin_y         -0.2634 
_pdbx_refine_tls.origin_z         0.0931 
_pdbx_refine_tls.T[1][1]          -0.1730 
_pdbx_refine_tls.T[2][2]          -0.1750 
_pdbx_refine_tls.T[3][3]          0.1452 
_pdbx_refine_tls.T[1][2]          -0.0564 
_pdbx_refine_tls.T[1][3]          -0.0525 
_pdbx_refine_tls.T[2][3]          0.0545 
_pdbx_refine_tls.L[1][1]          5.8692 
_pdbx_refine_tls.L[2][2]          4.7845 
_pdbx_refine_tls.L[3][3]          4.4750 
_pdbx_refine_tls.L[1][2]          0.1238 
_pdbx_refine_tls.L[1][3]          2.7104 
_pdbx_refine_tls.L[2][3]          -0.7813 
_pdbx_refine_tls.S[1][1]          0.0786 
_pdbx_refine_tls.S[1][2]          -0.1461 
_pdbx_refine_tls.S[1][3]          0.0736 
_pdbx_refine_tls.S[2][1]          -0.1028 
_pdbx_refine_tls.S[2][2]          -0.0715 
_pdbx_refine_tls.S[2][3]          0.4350 
_pdbx_refine_tls.S[3][1]          0.2192 
_pdbx_refine_tls.S[3][2]          -0.3111 
_pdbx_refine_tls.S[3][3]          -0.0070 
_pdbx_refine_tls.pdbx_refine_id   'X-RAY DIFFRACTION' 
# 
loop_
_pdbx_refine_tls_group.id 
_pdbx_refine_tls_group.refine_tls_id 
_pdbx_refine_tls_group.beg_auth_asym_id 
_pdbx_refine_tls_group.beg_auth_seq_id 
_pdbx_refine_tls_group.beg_label_asym_id 
_pdbx_refine_tls_group.beg_label_seq_id 
_pdbx_refine_tls_group.end_auth_asym_id 
_pdbx_refine_tls_group.end_auth_seq_id 
_pdbx_refine_tls_group.end_label_asym_id 
_pdbx_refine_tls_group.end_label_seq_id 
_pdbx_refine_tls_group.selection 
_pdbx_refine_tls_group.pdbx_refine_id 
_pdbx_refine_tls_group.selection_details 
1 1 A 3  A 3  A 30 A 30 ? 'X-RAY DIFFRACTION' ? 
2 1 A 31 A 31 A 56 A 56 ? 'X-RAY DIFFRACTION' ? 
3 1 A 57 A 57 A 81 A 81 ? 'X-RAY DIFFRACTION' ? 
# 
loop_
_pdbx_unobs_or_zero_occ_residues.id 
_pdbx_unobs_or_zero_occ_residues.PDB_model_num 
_pdbx_unobs_or_zero_occ_residues.polymer_flag 
_pdbx_unobs_or_zero_occ_residues.occupancy_flag 
_pdbx_unobs_or_zero_occ_residues.auth_asym_id 
_pdbx_unobs_or_zero_occ_residues.auth_comp_id 
_pdbx_unobs_or_zero_occ_residues.auth_seq_id 
_pdbx_unobs_or_zero_occ_residues.PDB_ins_code 
_pdbx_unobs_or_zero_occ_residues.label_asym_id 
_pdbx_unobs_or_zero_occ_residues.label_comp_id 
_pdbx_unobs_or_zero_occ_residues.label_seq_id 
1 1 Y 1 A MET 1 ? A MET 1 
2 1 Y 1 A GLU 2 ? A GLU 2 
# 
loop_
_chem_comp_atom.comp_id 
_chem_comp_atom.atom_id 
_chem_comp_atom.type_symbol 
_chem_comp_atom.pdbx_aromatic_flag 
_chem_comp_atom.pdbx_stereo_config 
_chem_comp_atom.pdbx_ordinal 
ALA N    N N N 1   
ALA CA   C N S 2   
ALA C    C N N 3   
ALA O    O N N 4   
ALA CB   C N N 5   
ALA OXT  O N N 6   
ALA H    H N N 7   
ALA H2   H N N 8   
ALA HA   H N N 9   
ALA HB1  H N N 10  
ALA HB2  H N N 11  
ALA HB3  H N N 12  
ALA HXT  H N N 13  
ARG N    N N N 14  
ARG CA   C N S 15  
ARG C    C N N 16  
ARG O    O N N 17  
ARG CB   C N N 18  
ARG CG   C N N 19  
ARG CD   C N N 20  
ARG NE   N N N 21  
ARG CZ   C N N 22  
ARG NH1  N N N 23  
ARG NH2  N N N 24  
ARG OXT  O N N 25  
ARG H    H N N 26  
ARG H2   H N N 27  
ARG HA   H N N 28  
ARG HB2  H N N 29  
ARG HB3  H N N 30  
ARG HG2  H N N 31  
ARG HG3  H N N 32  
ARG HD2  H N N 33  
ARG HD3  H N N 34  
ARG HE   H N N 35  
ARG HH11 H N N 36  
ARG HH12 H N N 37  
ARG HH21 H N N 38  
ARG HH22 H N N 39  
ARG HXT  H N N 40  
ASN N    N N N 41  
ASN CA   C N S 42  
ASN C    C N N 43  
ASN O    O N N 44  
ASN CB   C N N 45  
ASN CG   C N N 46  
ASN OD1  O N N 47  
ASN ND2  N N N 48  
ASN OXT  O N N 49  
ASN H    H N N 50  
ASN H2   H N N 51  
ASN HA   H N N 52  
ASN HB2  H N N 53  
ASN HB3  H N N 54  
ASN HD21 H N N 55  
ASN HD22 H N N 56  
ASN HXT  H N N 57  
ASP N    N N N 58  
ASP CA   C N S 59  
ASP C    C N N 60  
ASP O    O N N 61  
ASP CB   C N N 62  
ASP CG   C N N 63  
ASP OD1  O N N 64  
ASP OD2  O N N 65  
ASP OXT  O N N 66  
ASP H    H N N 67  
ASP H2   H N N 68  
ASP HA   H N N 69  
ASP HB2  H N N 70  
ASP HB3  H N N 71  
ASP HD2  H N N 72  
ASP HXT  H N N 73  
GLN N    N N N 74  
GLN CA   C N S 75  
GLN C    C N N 76  
GLN O    O N N 77  
GLN CB   C N N 78  
GLN CG   C N N 79  
GLN CD   C N N 80  
GLN OE1  O N N 81  
GLN NE2  N N N 82  
GLN OXT  O N N 83  
GLN H    H N N 84  
GLN H2   H N N 85  
GLN HA   H N N 86  
GLN HB2  H N N 87  
GLN HB3  H N N 88  
GLN HG2  H N N 89  
GLN HG3  H N N 90  
GLN HE21 H N N 91  
GLN HE22 H N N 92  
GLN HXT  H N N 93  
GLU N    N N N 94  
GLU CA   C N S 95  
GLU C    C N N 96  
GLU O    O N N 97  
GLU CB   C N N 98  
GLU CG   C N N 99  
GLU CD   C N N 100 
GLU OE1  O N N 101 
GLU OE2  O N N 102 
GLU OXT  O N N 103 
GLU H    H N N 104 
GLU H2   H N N 105 
GLU HA   H N N 106 
GLU HB2  H N N 107 
GLU HB3  H N N 108 
GLU HG2  H N N 109 
GLU HG3  H N N 110 
GLU HE2  H N N 111 
GLU HXT  H N N 112 
GLY N    N N N 113 
GLY CA   C N N 114 
GLY C    C N N 115 
GLY O    O N N 116 
GLY OXT  O N N 117 
GLY H    H N N 118 
GLY H2   H N N 119 
GLY HA2  H N N 120 
GLY HA3  H N N 121 
GLY HXT  H N N 122 
HIS N    N N N 123 
HIS CA   C N S 124 
HIS C    C N N 125 
HIS O    O N N 126 
HIS CB   C N N 127 
HIS CG   C Y N 128 
HIS ND1  N Y N 129 
HIS CD2  C Y N 130 
HIS CE1  C Y N 131 
HIS NE2  N Y N 132 
HIS OXT  O N N 133 
HIS H    H N N 134 
HIS H2   H N N 135 
HIS HA   H N N 136 
HIS HB2  H N N 137 
HIS HB3  H N N 138 
HIS HD1  H N N 139 
HIS HD2  H N N 140 
HIS HE1  H N N 141 
HIS HE2  H N N 142 
HIS HXT  H N N 143 
HOH O    O N N 144 
HOH H1   H N N 145 
HOH H2   H N N 146 
ILE N    N N N 147 
ILE CA   C N S 148 
ILE C    C N N 149 
ILE O    O N N 150 
ILE CB   C N S 151 
ILE CG1  C N N 152 
ILE CG2  C N N 153 
ILE CD1  C N N 154 
ILE OXT  O N N 155 
ILE H    H N N 156 
ILE H2   H N N 157 
ILE HA   H N N 158 
ILE HB   H N N 159 
ILE HG12 H N N 160 
ILE HG13 H N N 161 
ILE HG21 H N N 162 
ILE HG22 H N N 163 
ILE HG23 H N N 164 
ILE HD11 H N N 165 
ILE HD12 H N N 166 
ILE HD13 H N N 167 
ILE HXT  H N N 168 
LEU N    N N N 169 
LEU CA   C N S 170 
LEU C    C N N 171 
LEU O    O N N 172 
LEU CB   C N N 173 
LEU CG   C N N 174 
LEU CD1  C N N 175 
LEU CD2  C N N 176 
LEU OXT  O N N 177 
LEU H    H N N 178 
LEU H2   H N N 179 
LEU HA   H N N 180 
LEU HB2  H N N 181 
LEU HB3  H N N 182 
LEU HG   H N N 183 
LEU HD11 H N N 184 
LEU HD12 H N N 185 
LEU HD13 H N N 186 
LEU HD21 H N N 187 
LEU HD22 H N N 188 
LEU HD23 H N N 189 
LEU HXT  H N N 190 
LYS N    N N N 191 
LYS CA   C N S 192 
LYS C    C N N 193 
LYS O    O N N 194 
LYS CB   C N N 195 
LYS CG   C N N 196 
LYS CD   C N N 197 
LYS CE   C N N 198 
LYS NZ   N N N 199 
LYS OXT  O N N 200 
LYS H    H N N 201 
LYS H2   H N N 202 
LYS HA   H N N 203 
LYS HB2  H N N 204 
LYS HB3  H N N 205 
LYS HG2  H N N 206 
LYS HG3  H N N 207 
LYS HD2  H N N 208 
LYS HD3  H N N 209 
LYS HE2  H N N 210 
LYS HE3  H N N 211 
LYS HZ1  H N N 212 
LYS HZ2  H N N 213 
LYS HZ3  H N N 214 
LYS HXT  H N N 215 
MET N    N N N 216 
MET CA   C N S 217 
MET C    C N N 218 
MET O    O N N 219 
MET CB   C N N 220 
MET CG   C N N 221 
MET SD   S N N 222 
MET CE   C N N 223 
MET OXT  O N N 224 
MET H    H N N 225 
MET H2   H N N 226 
MET HA   H N N 227 
MET HB2  H N N 228 
MET HB3  H N N 229 
MET HG2  H N N 230 
MET HG3  H N N 231 
MET HE1  H N N 232 
MET HE2  H N N 233 
MET HE3  H N N 234 
MET HXT  H N N 235 
PHE N    N N N 236 
PHE CA   C N S 237 
PHE C    C N N 238 
PHE O    O N N 239 
PHE CB   C N N 240 
PHE CG   C Y N 241 
PHE CD1  C Y N 242 
PHE CD2  C Y N 243 
PHE CE1  C Y N 244 
PHE CE2  C Y N 245 
PHE CZ   C Y N 246 
PHE OXT  O N N 247 
PHE H    H N N 248 
PHE H2   H N N 249 
PHE HA   H N N 250 
PHE HB2  H N N 251 
PHE HB3  H N N 252 
PHE HD1  H N N 253 
PHE HD2  H N N 254 
PHE HE1  H N N 255 
PHE HE2  H N N 256 
PHE HZ   H N N 257 
PHE HXT  H N N 258 
PRO N    N N N 259 
PRO CA   C N S 260 
PRO C    C N N 261 
PRO O    O N N 262 
PRO CB   C N N 263 
PRO CG   C N N 264 
PRO CD   C N N 265 
PRO OXT  O N N 266 
PRO H    H N N 267 
PRO HA   H N N 268 
PRO HB2  H N N 269 
PRO HB3  H N N 270 
PRO HG2  H N N 271 
PRO HG3  H N N 272 
PRO HD2  H N N 273 
PRO HD3  H N N 274 
PRO HXT  H N N 275 
SER N    N N N 276 
SER CA   C N S 277 
SER C    C N N 278 
SER O    O N N 279 
SER CB   C N N 280 
SER OG   O N N 281 
SER OXT  O N N 282 
SER H    H N N 283 
SER H2   H N N 284 
SER HA   H N N 285 
SER HB2  H N N 286 
SER HB3  H N N 287 
SER HG   H N N 288 
SER HXT  H N N 289 
THR N    N N N 290 
THR CA   C N S 291 
THR C    C N N 292 
THR O    O N N 293 
THR CB   C N R 294 
THR OG1  O N N 295 
THR CG2  C N N 296 
THR OXT  O N N 297 
THR H    H N N 298 
THR H2   H N N 299 
THR HA   H N N 300 
THR HB   H N N 301 
THR HG1  H N N 302 
THR HG21 H N N 303 
THR HG22 H N N 304 
THR HG23 H N N 305 
THR HXT  H N N 306 
TYR N    N N N 307 
TYR CA   C N S 308 
TYR C    C N N 309 
TYR O    O N N 310 
TYR CB   C N N 311 
TYR CG   C Y N 312 
TYR CD1  C Y N 313 
TYR CD2  C Y N 314 
TYR CE1  C Y N 315 
TYR CE2  C Y N 316 
TYR CZ   C Y N 317 
TYR OH   O N N 318 
TYR OXT  O N N 319 
TYR H    H N N 320 
TYR H2   H N N 321 
TYR HA   H N N 322 
TYR HB2  H N N 323 
TYR HB3  H N N 324 
TYR HD1  H N N 325 
TYR HD2  H N N 326 
TYR HE1  H N N 327 
TYR HE2  H N N 328 
TYR HH   H N N 329 
TYR HXT  H N N 330 
VAL N    N N N 331 
VAL CA   C N S 332 
VAL C    C N N 333 
VAL O    O N N 334 
VAL CB   C N N 335 
VAL CG1  C N N 336 
VAL CG2  C N N 337 
VAL OXT  O N N 338 
VAL H    H N N 339 
VAL H2   H N N 340 
VAL HA   H N N 341 
VAL HB   H N N 342 
VAL HG11 H N N 343 
VAL HG12 H N N 344 
VAL HG13 H N N 345 
VAL HG21 H N N 346 
VAL HG22 H N N 347 
VAL HG23 H N N 348 
VAL HXT  H N N 349 
# 
loop_
_chem_comp_bond.comp_id 
_chem_comp_bond.atom_id_1 
_chem_comp_bond.atom_id_2 
_chem_comp_bond.value_order 
_chem_comp_bond.pdbx_aromatic_flag 
_chem_comp_bond.pdbx_stereo_config 
_chem_comp_bond.pdbx_ordinal 
ALA N   CA   sing N N 1   
ALA N   H    sing N N 2   
ALA N   H2   sing N N 3   
ALA CA  C    sing N N 4   
ALA CA  CB   sing N N 5   
ALA CA  HA   sing N N 6   
ALA C   O    doub N N 7   
ALA C   OXT  sing N N 8   
ALA CB  HB1  sing N N 9   
ALA CB  HB2  sing N N 10  
ALA CB  HB3  sing N N 11  
ALA OXT HXT  sing N N 12  
ARG N   CA   sing N N 13  
ARG N   H    sing N N 14  
ARG N   H2   sing N N 15  
ARG CA  C    sing N N 16  
ARG CA  CB   sing N N 17  
ARG CA  HA   sing N N 18  
ARG C   O    doub N N 19  
ARG C   OXT  sing N N 20  
ARG CB  CG   sing N N 21  
ARG CB  HB2  sing N N 22  
ARG CB  HB3  sing N N 23  
ARG CG  CD   sing N N 24  
ARG CG  HG2  sing N N 25  
ARG CG  HG3  sing N N 26  
ARG CD  NE   sing N N 27  
ARG CD  HD2  sing N N 28  
ARG CD  HD3  sing N N 29  
ARG NE  CZ   sing N N 30  
ARG NE  HE   sing N N 31  
ARG CZ  NH1  sing N N 32  
ARG CZ  NH2  doub N N 33  
ARG NH1 HH11 sing N N 34  
ARG NH1 HH12 sing N N 35  
ARG NH2 HH21 sing N N 36  
ARG NH2 HH22 sing N N 37  
ARG OXT HXT  sing N N 38  
ASN N   CA   sing N N 39  
ASN N   H    sing N N 40  
ASN N   H2   sing N N 41  
ASN CA  C    sing N N 42  
ASN CA  CB   sing N N 43  
ASN CA  HA   sing N N 44  
ASN C   O    doub N N 45  
ASN C   OXT  sing N N 46  
ASN CB  CG   sing N N 47  
ASN CB  HB2  sing N N 48  
ASN CB  HB3  sing N N 49  
ASN CG  OD1  doub N N 50  
ASN CG  ND2  sing N N 51  
ASN ND2 HD21 sing N N 52  
ASN ND2 HD22 sing N N 53  
ASN OXT HXT  sing N N 54  
ASP N   CA   sing N N 55  
ASP N   H    sing N N 56  
ASP N   H2   sing N N 57  
ASP CA  C    sing N N 58  
ASP CA  CB   sing N N 59  
ASP CA  HA   sing N N 60  
ASP C   O    doub N N 61  
ASP C   OXT  sing N N 62  
ASP CB  CG   sing N N 63  
ASP CB  HB2  sing N N 64  
ASP CB  HB3  sing N N 65  
ASP CG  OD1  doub N N 66  
ASP CG  OD2  sing N N 67  
ASP OD2 HD2  sing N N 68  
ASP OXT HXT  sing N N 69  
GLN N   CA   sing N N 70  
GLN N   H    sing N N 71  
GLN N   H2   sing N N 72  
GLN CA  C    sing N N 73  
GLN CA  CB   sing N N 74  
GLN CA  HA   sing N N 75  
GLN C   O    doub N N 76  
GLN C   OXT  sing N N 77  
GLN CB  CG   sing N N 78  
GLN CB  HB2  sing N N 79  
GLN CB  HB3  sing N N 80  
GLN CG  CD   sing N N 81  
GLN CG  HG2  sing N N 82  
GLN CG  HG3  sing N N 83  
GLN CD  OE1  doub N N 84  
GLN CD  NE2  sing N N 85  
GLN NE2 HE21 sing N N 86  
GLN NE2 HE22 sing N N 87  
GLN OXT HXT  sing N N 88  
GLU N   CA   sing N N 89  
GLU N   H    sing N N 90  
GLU N   H2   sing N N 91  
GLU CA  C    sing N N 92  
GLU CA  CB   sing N N 93  
GLU CA  HA   sing N N 94  
GLU C   O    doub N N 95  
GLU C   OXT  sing N N 96  
GLU CB  CG   sing N N 97  
GLU CB  HB2  sing N N 98  
GLU CB  HB3  sing N N 99  
GLU CG  CD   sing N N 100 
GLU CG  HG2  sing N N 101 
GLU CG  HG3  sing N N 102 
GLU CD  OE1  doub N N 103 
GLU CD  OE2  sing N N 104 
GLU OE2 HE2  sing N N 105 
GLU OXT HXT  sing N N 106 
GLY N   CA   sing N N 107 
GLY N   H    sing N N 108 
GLY N   H2   sing N N 109 
GLY CA  C    sing N N 110 
GLY CA  HA2  sing N N 111 
GLY CA  HA3  sing N N 112 
GLY C   O    doub N N 113 
GLY C   OXT  sing N N 114 
GLY OXT HXT  sing N N 115 
HIS N   CA   sing N N 116 
HIS N   H    sing N N 117 
HIS N   H2   sing N N 118 
HIS CA  C    sing N N 119 
HIS CA  CB   sing N N 120 
HIS CA  HA   sing N N 121 
HIS C   O    doub N N 122 
HIS C   OXT  sing N N 123 
HIS CB  CG   sing N N 124 
HIS CB  HB2  sing N N 125 
HIS CB  HB3  sing N N 126 
HIS CG  ND1  sing Y N 127 
HIS CG  CD2  doub Y N 128 
HIS ND1 CE1  doub Y N 129 
HIS ND1 HD1  sing N N 130 
HIS CD2 NE2  sing Y N 131 
HIS CD2 HD2  sing N N 132 
HIS CE1 NE2  sing Y N 133 
HIS CE1 HE1  sing N N 134 
HIS NE2 HE2  sing N N 135 
HIS OXT HXT  sing N N 136 
HOH O   H1   sing N N 137 
HOH O   H2   sing N N 138 
ILE N   CA   sing N N 139 
ILE N   H    sing N N 140 
ILE N   H2   sing N N 141 
ILE CA  C    sing N N 142 
ILE CA  CB   sing N N 143 
ILE CA  HA   sing N N 144 
ILE C   O    doub N N 145 
ILE C   OXT  sing N N 146 
ILE CB  CG1  sing N N 147 
ILE CB  CG2  sing N N 148 
ILE CB  HB   sing N N 149 
ILE CG1 CD1  sing N N 150 
ILE CG1 HG12 sing N N 151 
ILE CG1 HG13 sing N N 152 
ILE CG2 HG21 sing N N 153 
ILE CG2 HG22 sing N N 154 
ILE CG2 HG23 sing N N 155 
ILE CD1 HD11 sing N N 156 
ILE CD1 HD12 sing N N 157 
ILE CD1 HD13 sing N N 158 
ILE OXT HXT  sing N N 159 
LEU N   CA   sing N N 160 
LEU N   H    sing N N 161 
LEU N   H2   sing N N 162 
LEU CA  C    sing N N 163 
LEU CA  CB   sing N N 164 
LEU CA  HA   sing N N 165 
LEU C   O    doub N N 166 
LEU C   OXT  sing N N 167 
LEU CB  CG   sing N N 168 
LEU CB  HB2  sing N N 169 
LEU CB  HB3  sing N N 170 
LEU CG  CD1  sing N N 171 
LEU CG  CD2  sing N N 172 
LEU CG  HG   sing N N 173 
LEU CD1 HD11 sing N N 174 
LEU CD1 HD12 sing N N 175 
LEU CD1 HD13 sing N N 176 
LEU CD2 HD21 sing N N 177 
LEU CD2 HD22 sing N N 178 
LEU CD2 HD23 sing N N 179 
LEU OXT HXT  sing N N 180 
LYS N   CA   sing N N 181 
LYS N   H    sing N N 182 
LYS N   H2   sing N N 183 
LYS CA  C    sing N N 184 
LYS CA  CB   sing N N 185 
LYS CA  HA   sing N N 186 
LYS C   O    doub N N 187 
LYS C   OXT  sing N N 188 
LYS CB  CG   sing N N 189 
LYS CB  HB2  sing N N 190 
LYS CB  HB3  sing N N 191 
LYS CG  CD   sing N N 192 
LYS CG  HG2  sing N N 193 
LYS CG  HG3  sing N N 194 
LYS CD  CE   sing N N 195 
LYS CD  HD2  sing N N 196 
LYS CD  HD3  sing N N 197 
LYS CE  NZ   sing N N 198 
LYS CE  HE2  sing N N 199 
LYS CE  HE3  sing N N 200 
LYS NZ  HZ1  sing N N 201 
LYS NZ  HZ2  sing N N 202 
LYS NZ  HZ3  sing N N 203 
LYS OXT HXT  sing N N 204 
MET N   CA   sing N N 205 
MET N   H    sing N N 206 
MET N   H2   sing N N 207 
MET CA  C    sing N N 208 
MET CA  CB   sing N N 209 
MET CA  HA   sing N N 210 
MET C   O    doub N N 211 
MET C   OXT  sing N N 212 
MET CB  CG   sing N N 213 
MET CB  HB2  sing N N 214 
MET CB  HB3  sing N N 215 
MET CG  SD   sing N N 216 
MET CG  HG2  sing N N 217 
MET CG  HG3  sing N N 218 
MET SD  CE   sing N N 219 
MET CE  HE1  sing N N 220 
MET CE  HE2  sing N N 221 
MET CE  HE3  sing N N 222 
MET OXT HXT  sing N N 223 
PHE N   CA   sing N N 224 
PHE N   H    sing N N 225 
PHE N   H2   sing N N 226 
PHE CA  C    sing N N 227 
PHE CA  CB   sing N N 228 
PHE CA  HA   sing N N 229 
PHE C   O    doub N N 230 
PHE C   OXT  sing N N 231 
PHE CB  CG   sing N N 232 
PHE CB  HB2  sing N N 233 
PHE CB  HB3  sing N N 234 
PHE CG  CD1  doub Y N 235 
PHE CG  CD2  sing Y N 236 
PHE CD1 CE1  sing Y N 237 
PHE CD1 HD1  sing N N 238 
PHE CD2 CE2  doub Y N 239 
PHE CD2 HD2  sing N N 240 
PHE CE1 CZ   doub Y N 241 
PHE CE1 HE1  sing N N 242 
PHE CE2 CZ   sing Y N 243 
PHE CE2 HE2  sing N N 244 
PHE CZ  HZ   sing N N 245 
PHE OXT HXT  sing N N 246 
PRO N   CA   sing N N 247 
PRO N   CD   sing N N 248 
PRO N   H    sing N N 249 
PRO CA  C    sing N N 250 
PRO CA  CB   sing N N 251 
PRO CA  HA   sing N N 252 
PRO C   O    doub N N 253 
PRO C   OXT  sing N N 254 
PRO CB  CG   sing N N 255 
PRO CB  HB2  sing N N 256 
PRO CB  HB3  sing N N 257 
PRO CG  CD   sing N N 258 
PRO CG  HG2  sing N N 259 
PRO CG  HG3  sing N N 260 
PRO CD  HD2  sing N N 261 
PRO CD  HD3  sing N N 262 
PRO OXT HXT  sing N N 263 
SER N   CA   sing N N 264 
SER N   H    sing N N 265 
SER N   H2   sing N N 266 
SER CA  C    sing N N 267 
SER CA  CB   sing N N 268 
SER CA  HA   sing N N 269 
SER C   O    doub N N 270 
SER C   OXT  sing N N 271 
SER CB  OG   sing N N 272 
SER CB  HB2  sing N N 273 
SER CB  HB3  sing N N 274 
SER OG  HG   sing N N 275 
SER OXT HXT  sing N N 276 
THR N   CA   sing N N 277 
THR N   H    sing N N 278 
THR N   H2   sing N N 279 
THR CA  C    sing N N 280 
THR CA  CB   sing N N 281 
THR CA  HA   sing N N 282 
THR C   O    doub N N 283 
THR C   OXT  sing N N 284 
THR CB  OG1  sing N N 285 
THR CB  CG2  sing N N 286 
THR CB  HB   sing N N 287 
THR OG1 HG1  sing N N 288 
THR CG2 HG21 sing N N 289 
THR CG2 HG22 sing N N 290 
THR CG2 HG23 sing N N 291 
THR OXT HXT  sing N N 292 
TYR N   CA   sing N N 293 
TYR N   H    sing N N 294 
TYR N   H2   sing N N 295 
TYR CA  C    sing N N 296 
TYR CA  CB   sing N N 297 
TYR CA  HA   sing N N 298 
TYR C   O    doub N N 299 
TYR C   OXT  sing N N 300 
TYR CB  CG   sing N N 301 
TYR CB  HB2  sing N N 302 
TYR CB  HB3  sing N N 303 
TYR CG  CD1  doub Y N 304 
TYR CG  CD2  sing Y N 305 
TYR CD1 CE1  sing Y N 306 
TYR CD1 HD1  sing N N 307 
TYR CD2 CE2  doub Y N 308 
TYR CD2 HD2  sing N N 309 
TYR CE1 CZ   doub Y N 310 
TYR CE1 HE1  sing N N 311 
TYR CE2 CZ   sing Y N 312 
TYR CE2 HE2  sing N N 313 
TYR CZ  OH   sing N N 314 
TYR OH  HH   sing N N 315 
TYR OXT HXT  sing N N 316 
VAL N   CA   sing N N 317 
VAL N   H    sing N N 318 
VAL N   H2   sing N N 319 
VAL CA  C    sing N N 320 
VAL CA  CB   sing N N 321 
VAL CA  HA   sing N N 322 
VAL C   O    doub N N 323 
VAL C   OXT  sing N N 324 
VAL CB  CG1  sing N N 325 
VAL CB  CG2  sing N N 326 
VAL CB  HB   sing N N 327 
VAL CG1 HG11 sing N N 328 
VAL CG1 HG12 sing N N 329 
VAL CG1 HG13 sing N N 330 
VAL CG2 HG21 sing N N 331 
VAL CG2 HG22 sing N N 332 
VAL CG2 HG23 sing N N 333 
VAL OXT HXT  sing N N 334 
# 
_atom_sites.entry_id                    2FI0 
_atom_sites.fract_transf_matrix[1][1]   -0.01040084 
_atom_sites.fract_transf_matrix[1][2]   0.00622846 
_atom_sites.fract_transf_matrix[1][3]   -0.00302097 
_atom_sites.fract_transf_matrix[2][1]   -0.01050411 
_atom_sites.fract_transf_matrix[2][2]   -0.00625694 
_atom_sites.fract_transf_matrix[2][3]   -0.00257187 
_atom_sites.fract_transf_matrix[3][1]   -0.00624820 
_atom_sites.fract_transf_matrix[3][2]   0.00089157 
_atom_sites.fract_transf_matrix[3][3]   0.02335004 
_atom_sites.fract_transf_vector[1]      0.475080 
_atom_sites.fract_transf_vector[2]      0.157477 
_atom_sites.fract_transf_vector[3]      0.458969 
# 
loop_
_atom_type.symbol 
C 
N 
O 
S 
# 
loop_
_atom_site.group_PDB 
_atom_site.id 
_atom_site.type_symbol 
_atom_site.label_atom_id 
_atom_site.label_alt_id 
_atom_site.label_comp_id 
_atom_site.label_asym_id 
_atom_site.label_entity_id 
_atom_site.label_seq_id 
_atom_site.pdbx_PDB_ins_code 
_atom_site.Cartn_x 
_atom_site.Cartn_y 
_atom_site.Cartn_z 
_atom_site.occupancy 
_atom_site.B_iso_or_equiv 
_atom_site.pdbx_formal_charge 
_atom_site.auth_seq_id 
_atom_site.auth_comp_id 
_atom_site.auth_asym_id 
_atom_site.auth_atom_id 
_atom_site.pdbx_PDB_model_num 
ATOM   1   N N   . VAL A 1 3  ? 20.646  -7.510  7.065   1.00 59.19 ? 3   VAL A N   1 
ATOM   2   C CA  . VAL A 1 3  ? 20.136  -7.199  5.692   1.00 59.23 ? 3   VAL A CA  1 
ATOM   3   C C   . VAL A 1 3  ? 18.610  -7.302  5.608   1.00 59.14 ? 3   VAL A C   1 
ATOM   4   O O   . VAL A 1 3  ? 17.982  -8.073  6.340   1.00 59.27 ? 3   VAL A O   1 
ATOM   5   C CB  . VAL A 1 3  ? 20.762  -8.127  4.612   1.00 59.36 ? 3   VAL A CB  1 
ATOM   6   C CG1 . VAL A 1 3  ? 22.275  -8.197  4.776   1.00 59.53 ? 3   VAL A CG1 1 
ATOM   7   C CG2 . VAL A 1 3  ? 20.147  -9.532  4.649   1.00 59.70 ? 3   VAL A CG2 1 
ATOM   8   N N   . VAL A 1 4  ? 18.017  -6.532  4.702   1.00 58.90 ? 4   VAL A N   1 
ATOM   9   C CA  . VAL A 1 4  ? 16.575  -6.583  4.509   1.00 58.71 ? 4   VAL A CA  1 
ATOM   10  C C   . VAL A 1 4  ? 16.220  -7.704  3.533   1.00 58.46 ? 4   VAL A C   1 
ATOM   11  O O   . VAL A 1 4  ? 16.828  -7.854  2.469   1.00 58.38 ? 4   VAL A O   1 
ATOM   12  C CB  . VAL A 1 4  ? 16.005  -5.244  4.053   1.00 58.61 ? 4   VAL A CB  1 
ATOM   13  C CG1 . VAL A 1 4  ? 14.493  -5.332  3.928   1.00 58.76 ? 4   VAL A CG1 1 
ATOM   14  C CG2 . VAL A 1 4  ? 16.409  -4.156  5.039   1.00 58.61 ? 4   VAL A CG2 1 
ATOM   15  N N   . MET A 1 5  ? 15.239  -8.497  3.936   1.00 58.05 ? 5   MET A N   1 
ATOM   16  C CA  . MET A 1 5  ? 14.900  -9.733  3.251   1.00 57.82 ? 5   MET A CA  1 
ATOM   17  C C   . MET A 1 5  ? 13.387  -9.905  3.143   1.00 57.53 ? 5   MET A C   1 
ATOM   18  O O   . MET A 1 5  ? 12.867  -10.341 2.118   1.00 57.44 ? 5   MET A O   1 
ATOM   19  C CB  . MET A 1 5  ? 15.493  -10.900 4.034   1.00 57.91 ? 5   MET A CB  1 
ATOM   20  C CG  . MET A 1 5  ? 15.628  -12.192 3.241   1.00 57.98 ? 5   MET A CG  1 
ATOM   21  S SD  . MET A 1 5  ? 16.776  -12.118 1.857   1.00 55.46 ? 5   MET A SD  1 
ATOM   22  C CE  . MET A 1 5  ? 18.170  -11.212 2.526   1.00 54.72 ? 5   MET A CE  1 
ATOM   23  N N   . ASP A 1 6  ? 12.694  -9.559  4.221   1.00 57.06 ? 6   ASP A N   1 
ATOM   24  C CA  . ASP A 1 6  ? 11.263  -9.718  4.315   1.00 56.44 ? 6   ASP A CA  1 
ATOM   25  C C   . ASP A 1 6  ? 10.636  -8.333  4.466   1.00 55.10 ? 6   ASP A C   1 
ATOM   26  O O   . ASP A 1 6  ? 11.332  -7.338  4.725   1.00 55.33 ? 6   ASP A O   1 
ATOM   27  C CB  . ASP A 1 6  ? 10.933  -10.610 5.530   1.00 57.53 ? 6   ASP A CB  1 
ATOM   28  C CG  . ASP A 1 6  ? 11.685  -11.937 5.508   1.00 61.29 ? 6   ASP A CG  1 
ATOM   29  O OD1 . ASP A 1 6  ? 11.952  -12.450 4.394   1.00 67.59 ? 6   ASP A OD1 1 
ATOM   30  O OD2 . ASP A 1 6  ? 12.004  -12.489 6.596   1.00 66.09 ? 6   ASP A OD2 1 
ATOM   31  N N   . ASN A 1 7  ? 9.325   -8.275  4.296   1.00 52.87 ? 7   ASN A N   1 
ATOM   32  C CA  . ASN A 1 7  ? 8.561   -7.056  4.554   1.00 51.51 ? 7   ASN A CA  1 
ATOM   33  C C   . ASN A 1 7  ? 8.936   -5.874  3.641   1.00 49.65 ? 7   ASN A C   1 
ATOM   34  O O   . ASN A 1 7  ? 8.964   -4.736  4.062   1.00 48.93 ? 7   ASN A O   1 
ATOM   35  C CB  . ASN A 1 7  ? 8.628   -6.691  6.054   1.00 51.76 ? 7   ASN A CB  1 
ATOM   36  C CG  . ASN A 1 7  ? 8.012   -7.776  6.951   1.00 52.98 ? 7   ASN A CG  1 
ATOM   37  O OD1 . ASN A 1 7  ? 6.819   -8.078  6.857   1.00 52.77 ? 7   ASN A OD1 1 
ATOM   38  N ND2 . ASN A 1 7  ? 8.842   -8.391  7.797   1.00 55.32 ? 7   ASN A ND2 1 
ATOM   39  N N   . ILE A 1 8  ? 9.175   -6.175  2.369   1.00 47.57 ? 8   ILE A N   1 
ATOM   40  C CA  . ILE A 1 8  ? 9.481   -5.173  1.357   1.00 46.42 ? 8   ILE A CA  1 
ATOM   41  C C   . ILE A 1 8  ? 8.175   -4.838  0.632   1.00 45.49 ? 8   ILE A C   1 
ATOM   42  O O   . ILE A 1 8  ? 7.458   -5.741  0.201   1.00 44.57 ? 8   ILE A O   1 
ATOM   43  C CB  . ILE A 1 8  ? 10.548  -5.702  0.361   1.00 45.73 ? 8   ILE A CB  1 
ATOM   44  C CG1 . ILE A 1 8  ? 11.875  -5.944  1.087   1.00 45.11 ? 8   ILE A CG1 1 
ATOM   45  C CG2 . ILE A 1 8  ? 10.737  -4.753  -0.812  1.00 45.62 ? 8   ILE A CG2 1 
ATOM   46  C CD1 . ILE A 1 8  ? 12.800  -6.863  0.328   1.00 45.35 ? 8   ILE A CD1 1 
ATOM   47  N N   . ILE A 1 9  ? 7.874   -3.547  0.523   1.00 44.25 ? 9   ILE A N   1 
ATOM   48  C CA  . ILE A 1 9  ? 6.669   -3.069  -0.137  1.00 44.49 ? 9   ILE A CA  1 
ATOM   49  C C   . ILE A 1 9  ? 7.054   -2.175  -1.306  1.00 43.58 ? 9   ILE A C   1 
ATOM   50  O O   . ILE A 1 9  ? 7.790   -1.216  -1.153  1.00 42.16 ? 9   ILE A O   1 
ATOM   51  C CB  . ILE A 1 9  ? 5.731   -2.336  0.845   1.00 44.03 ? 9   ILE A CB  1 
ATOM   52  C CG1 . ILE A 1 9  ? 5.166   -3.354  1.835   1.00 46.19 ? 9   ILE A CG1 1 
ATOM   53  C CG2 . ILE A 1 9  ? 4.594   -1.607  0.076   1.00 44.42 ? 9   ILE A CG2 1 
ATOM   54  C CD1 . ILE A 1 9  ? 4.356   -2.764  2.969   1.00 47.06 ? 9   ILE A CD1 1 
ATOM   55  N N   . ASP A 1 10 ? 6.557   -2.534  -2.480  1.00 43.67 ? 10  ASP A N   1 
ATOM   56  C CA  . ASP A 1 10 ? 6.802   -1.790  -3.696  1.00 43.88 ? 10  ASP A CA  1 
ATOM   57  C C   . ASP A 1 10 ? 5.574   -0.896  -3.930  1.00 44.10 ? 10  ASP A C   1 
ATOM   58  O O   . ASP A 1 10 ? 4.454   -1.389  -4.075  1.00 44.04 ? 10  ASP A O   1 
ATOM   59  C CB  . ASP A 1 10 ? 7.020   -2.777  -4.849  1.00 43.53 ? 10  ASP A CB  1 
ATOM   60  C CG  . ASP A 1 10 ? 7.551   -2.111  -6.105  1.00 43.79 ? 10  ASP A CG  1 
ATOM   61  O OD1 . ASP A 1 10 ? 7.283   -0.911  -6.310  1.00 41.41 ? 10  ASP A OD1 1 
ATOM   62  O OD2 . ASP A 1 10 ? 8.232   -2.801  -6.898  1.00 43.97 ? 10  ASP A OD2 1 
ATOM   63  N N   . VAL A 1 11 ? 5.786   0.418   -3.942  1.00 44.00 ? 11  VAL A N   1 
ATOM   64  C CA  . VAL A 1 11 ? 4.675   1.356   -4.087  1.00 44.15 ? 11  VAL A CA  1 
ATOM   65  C C   . VAL A 1 11 ? 4.313   1.553   -5.561  1.00 44.09 ? 11  VAL A C   1 
ATOM   66  O O   . VAL A 1 11 ? 3.395   2.301   -5.871  1.00 43.26 ? 11  VAL A O   1 
ATOM   67  C CB  . VAL A 1 11 ? 4.958   2.735   -3.391  1.00 44.10 ? 11  VAL A CB  1 
ATOM   68  C CG1 . VAL A 1 11 ? 5.106   2.562   -1.888  1.00 44.36 ? 11  VAL A CG1 1 
ATOM   69  C CG2 . VAL A 1 11 ? 6.192   3.433   -3.973  1.00 43.81 ? 11  VAL A CG2 1 
ATOM   70  N N   . SER A 1 12 ? 5.039   0.885   -6.459  1.00 44.43 ? 12  SER A N   1 
ATOM   71  C CA  . SER A 1 12 ? 4.820   1.035   -7.892  1.00 45.08 ? 12  SER A CA  1 
ATOM   72  C C   . SER A 1 12 ? 4.030   -0.090  -8.539  1.00 45.27 ? 12  SER A C   1 
ATOM   73  O O   . SER A 1 12 ? 3.803   -0.040  -9.731  1.00 46.46 ? 12  SER A O   1 
ATOM   74  C CB  . SER A 1 12 ? 6.152   1.202   -8.629  1.00 45.06 ? 12  SER A CB  1 
ATOM   75  O OG  . SER A 1 12 ? 6.836   -0.032  -8.755  1.00 45.99 ? 12  SER A OG  1 
ATOM   76  N N   . ILE A 1 13 ? 3.608   -1.088  -7.768  1.00 45.57 ? 13  ILE A N   1 
ATOM   77  C CA  . ILE A 1 13 ? 2.824   -2.211  -8.284  1.00 45.58 ? 13  ILE A CA  1 
ATOM   78  C C   . ILE A 1 13 ? 1.377   -2.100  -7.762  1.00 46.02 ? 13  ILE A C   1 
ATOM   79  O O   . ILE A 1 13 ? 1.125   -1.367  -6.807  1.00 46.15 ? 13  ILE A O   1 
ATOM   80  C CB  . ILE A 1 13 ? 3.459   -3.591  -7.894  1.00 45.64 ? 13  ILE A CB  1 
ATOM   81  C CG1 . ILE A 1 13 ? 3.425   -3.823  -6.377  1.00 45.77 ? 13  ILE A CG1 1 
ATOM   82  C CG2 . ILE A 1 13 ? 4.899   -3.696  -8.419  1.00 45.14 ? 13  ILE A CG2 1 
ATOM   83  C CD1 . ILE A 1 13 ? 3.799   -5.216  -5.978  1.00 45.51 ? 13  ILE A CD1 1 
ATOM   84  N N   . PRO A 1 14 ? 0.421   -2.813  -8.391  1.00 46.26 ? 14  PRO A N   1 
ATOM   85  C CA  . PRO A 1 14 ? -0.978  -2.729  -7.952  1.00 46.49 ? 14  PRO A CA  1 
ATOM   86  C C   . PRO A 1 14 ? -1.192  -3.035  -6.469  1.00 46.48 ? 14  PRO A C   1 
ATOM   87  O O   . PRO A 1 14 ? -0.584  -3.949  -5.939  1.00 46.49 ? 14  PRO A O   1 
ATOM   88  C CB  . PRO A 1 14 ? -1.693  -3.770  -8.834  1.00 46.54 ? 14  PRO A CB  1 
ATOM   89  C CG  . PRO A 1 14 ? -0.851  -3.862  -10.052 1.00 46.42 ? 14  PRO A CG  1 
ATOM   90  C CD  . PRO A 1 14 ? 0.570   -3.690  -9.567  1.00 46.17 ? 14  PRO A CD  1 
ATOM   91  N N   . VAL A 1 15 ? -2.058  -2.271  -5.813  1.00 46.87 ? 15  VAL A N   1 
ATOM   92  C CA  . VAL A 1 15 ? -2.258  -2.415  -4.370  1.00 47.71 ? 15  VAL A CA  1 
ATOM   93  C C   . VAL A 1 15 ? -2.690  -3.843  -3.978  1.00 47.55 ? 15  VAL A C   1 
ATOM   94  O O   . VAL A 1 15 ? -2.288  -4.355  -2.926  1.00 46.93 ? 15  VAL A O   1 
ATOM   95  C CB  . VAL A 1 15 ? -3.261  -1.374  -3.813  1.00 48.05 ? 15  VAL A CB  1 
ATOM   96  C CG1 . VAL A 1 15 ? -3.506  -1.609  -2.333  1.00 50.01 ? 15  VAL A CG1 1 
ATOM   97  C CG2 . VAL A 1 15 ? -2.714  0.005   -3.986  1.00 50.05 ? 15  VAL A CG2 1 
ATOM   98  N N   . ALA A 1 16 ? -3.478  -4.483  -4.833  1.00 47.51 ? 16  ALA A N   1 
ATOM   99  C CA  . ALA A 1 16 ? -3.884  -5.881  -4.607  1.00 47.97 ? 16  ALA A CA  1 
ATOM   100 C C   . ALA A 1 16 ? -2.689  -6.850  -4.492  1.00 48.05 ? 16  ALA A C   1 
ATOM   101 O O   . ALA A 1 16 ? -2.707  -7.769  -3.664  1.00 47.74 ? 16  ALA A O   1 
ATOM   102 C CB  . ALA A 1 16 ? -4.822  -6.340  -5.709  1.00 48.02 ? 16  ALA A CB  1 
ATOM   103 N N   . GLU A 1 17 ? -1.668  -6.655  -5.326  1.00 47.87 ? 17  GLU A N   1 
ATOM   104 C CA  . GLU A 1 17 ? -0.469  -7.491  -5.273  1.00 48.06 ? 17  GLU A CA  1 
ATOM   105 C C   . GLU A 1 17 ? 0.294   -7.293  -3.958  1.00 47.41 ? 17  GLU A C   1 
ATOM   106 O O   . GLU A 1 17 ? 0.851   -8.238  -3.391  1.00 47.07 ? 17  GLU A O   1 
ATOM   107 C CB  . GLU A 1 17 ? 0.466   -7.176  -6.437  1.00 48.31 ? 17  GLU A CB  1 
ATOM   108 C CG  . GLU A 1 17 ? -0.046  -7.613  -7.778  1.00 49.55 ? 17  GLU A CG  1 
ATOM   109 C CD  . GLU A 1 17 ? 0.949   -7.363  -8.905  1.00 50.17 ? 17  GLU A CD  1 
ATOM   110 O OE1 . GLU A 1 17 ? 2.177   -7.364  -8.641  1.00 53.46 ? 17  GLU A OE1 1 
ATOM   111 O OE2 . GLU A 1 17 ? 0.493   -7.178  -10.063 1.00 52.57 ? 17  GLU A OE2 1 
ATOM   112 N N   . VAL A 1 18 ? 0.328   -6.054  -3.493  1.00 46.61 ? 18  VAL A N   1 
ATOM   113 C CA  . VAL A 1 18 ? 0.926   -5.755  -2.209  1.00 46.66 ? 18  VAL A CA  1 
ATOM   114 C C   . VAL A 1 18 ? 0.187   -6.535  -1.109  1.00 46.27 ? 18  VAL A C   1 
ATOM   115 O O   . VAL A 1 18 ? 0.811   -7.205  -0.307  1.00 45.10 ? 18  VAL A O   1 
ATOM   116 C CB  . VAL A 1 18 ? 0.931   -4.241  -1.901  1.00 45.88 ? 18  VAL A CB  1 
ATOM   117 C CG1 . VAL A 1 18 ? 1.454   -3.993  -0.516  1.00 46.04 ? 18  VAL A CG1 1 
ATOM   118 C CG2 . VAL A 1 18 ? 1.770   -3.488  -2.918  1.00 46.59 ? 18  VAL A CG2 1 
ATOM   119 N N   . VAL A 1 19 ? -1.142  -6.457  -1.102  1.00 46.61 ? 19  VAL A N   1 
ATOM   120 C CA  . VAL A 1 19 ? -1.938  -7.006  -0.006  1.00 46.82 ? 19  VAL A CA  1 
ATOM   121 C C   . VAL A 1 19 ? -1.926  -8.540  -0.021  1.00 47.07 ? 19  VAL A C   1 
ATOM   122 O O   . VAL A 1 19 ? -1.893  -9.162  1.035   1.00 46.44 ? 19  VAL A O   1 
ATOM   123 C CB  . VAL A 1 19 ? -3.378  -6.435  -0.013  1.00 46.58 ? 19  VAL A CB  1 
ATOM   124 C CG1 . VAL A 1 19 ? -4.280  -7.159  1.010   1.00 46.77 ? 19  VAL A CG1 1 
ATOM   125 C CG2 . VAL A 1 19 ? -3.351  -4.957  0.271   1.00 46.55 ? 19  VAL A CG2 1 
ATOM   126 N N   . ASP A 1 20 ? -1.938  -9.126  -1.217  1.00 47.58 ? 20  ASP A N   1 
ATOM   127 C CA  . ASP A 1 20 ? -1.783  -10.563 -1.385  1.00 48.32 ? 20  ASP A CA  1 
ATOM   128 C C   . ASP A 1 20 ? -0.481  -11.072 -0.775  1.00 48.48 ? 20  ASP A C   1 
ATOM   129 O O   . ASP A 1 20 ? -0.463  -12.105 -0.114  1.00 47.49 ? 20  ASP A O   1 
ATOM   130 C CB  . ASP A 1 20 ? -1.828  -10.944 -2.876  1.00 49.01 ? 20  ASP A CB  1 
ATOM   131 C CG  . ASP A 1 20 ? -3.230  -10.849 -3.469  1.00 50.50 ? 20  ASP A CG  1 
ATOM   132 O OD1 . ASP A 1 20 ? -4.230  -10.841 -2.709  1.00 52.97 ? 20  ASP A OD1 1 
ATOM   133 O OD2 . ASP A 1 20 ? -3.330  -10.789 -4.711  1.00 53.15 ? 20  ASP A OD2 1 
ATOM   134 N N   . LYS A 1 21 ? 0.608   -10.337 -0.993  1.00 48.55 ? 21  LYS A N   1 
ATOM   135 C CA  . LYS A 1 21 ? 1.896   -10.740 -0.449  1.00 48.52 ? 21  LYS A CA  1 
ATOM   136 C C   . LYS A 1 21 ? 1.983   -10.445 1.049   1.00 48.02 ? 21  LYS A C   1 
ATOM   137 O O   . LYS A 1 21 ? 2.568   -11.227 1.799   1.00 47.50 ? 21  LYS A O   1 
ATOM   138 C CB  . LYS A 1 21 ? 3.025   -10.049 -1.206  1.00 48.88 ? 21  LYS A CB  1 
ATOM   139 C CG  . LYS A 1 21 ? 4.407   -10.454 -0.746  1.00 49.66 ? 21  LYS A CG  1 
ATOM   140 C CD  . LYS A 1 21 ? 5.478   -10.012 -1.751  1.00 50.26 ? 21  LYS A CD  1 
ATOM   141 C CE  . LYS A 1 21 ? 6.620   -11.034 -1.830  1.00 51.82 ? 21  LYS A CE  1 
ATOM   142 N NZ  . LYS A 1 21 ? 7.120   -11.107 -3.233  1.00 54.45 ? 21  LYS A NZ  1 
ATOM   143 N N   . HIS A 1 22 ? 1.383   -9.337  1.483   1.00 47.44 ? 22  HIS A N   1 
ATOM   144 C CA  . HIS A 1 22 ? 1.436   -8.909  2.883   1.00 47.54 ? 22  HIS A CA  1 
ATOM   145 C C   . HIS A 1 22 ? 0.036   -8.662  3.468   1.00 47.27 ? 22  HIS A C   1 
ATOM   146 O O   . HIS A 1 22 ? -0.359  -7.499  3.620   1.00 46.73 ? 22  HIS A O   1 
ATOM   147 C CB  . HIS A 1 22 ? 2.242   -7.609  2.998   1.00 47.64 ? 22  HIS A CB  1 
ATOM   148 C CG  . HIS A 1 22 ? 3.631   -7.695  2.448   1.00 48.13 ? 22  HIS A CG  1 
ATOM   149 N ND1 . HIS A 1 22 ? 3.980   -7.143  1.235   1.00 49.25 ? 22  HIS A ND1 1 
ATOM   150 C CD2 . HIS A 1 22 ? 4.761   -8.252  2.948   1.00 49.18 ? 22  HIS A CD2 1 
ATOM   151 C CE1 . HIS A 1 22 ? 5.264   -7.356  1.011   1.00 48.16 ? 22  HIS A CE1 1 
ATOM   152 N NE2 . HIS A 1 22 ? 5.764   -8.019  2.038   1.00 49.58 ? 22  HIS A NE2 1 
ATOM   153 N N   . PRO A 1 23 ? -0.721  -9.737  3.799   1.00 47.14 ? 23  PRO A N   1 
ATOM   154 C CA  . PRO A 1 23 ? -2.093  -9.547  4.317   1.00 47.24 ? 23  PRO A CA  1 
ATOM   155 C C   . PRO A 1 23 ? -2.171  -8.608  5.530   1.00 47.09 ? 23  PRO A C   1 
ATOM   156 O O   . PRO A 1 23 ? -3.117  -7.839  5.655   1.00 46.32 ? 23  PRO A O   1 
ATOM   157 C CB  . PRO A 1 23 ? -2.554  -10.970 4.684   1.00 47.49 ? 23  PRO A CB  1 
ATOM   158 C CG  . PRO A 1 23 ? -1.651  -11.903 3.939   1.00 47.55 ? 23  PRO A CG  1 
ATOM   159 C CD  . PRO A 1 23 ? -0.359  -11.158 3.661   1.00 47.22 ? 23  PRO A CD  1 
ATOM   160 N N   . GLU A 1 24 ? -1.157  -8.655  6.385   1.00 47.49 ? 24  GLU A N   1 
ATOM   161 C CA  . GLU A 1 24 ? -1.064  -7.795  7.584   1.00 47.80 ? 24  GLU A CA  1 
ATOM   162 C C   . GLU A 1 24 ? -0.971  -6.292  7.284   1.00 47.55 ? 24  GLU A C   1 
ATOM   163 O O   . GLU A 1 24 ? -1.243  -5.466  8.162   1.00 48.05 ? 24  GLU A O   1 
ATOM   164 C CB  . GLU A 1 24 ? 0.159   -8.154  8.449   1.00 48.61 ? 24  GLU A CB  1 
ATOM   165 C CG  . GLU A 1 24 ? 0.879   -9.474  8.110   1.00 52.09 ? 24  GLU A CG  1 
ATOM   166 C CD  . GLU A 1 24 ? 1.757   -9.383  6.841   1.00 54.59 ? 24  GLU A CD  1 
ATOM   167 O OE1 . GLU A 1 24 ? 1.738   -10.382 6.065   1.00 55.39 ? 24  GLU A OE1 1 
ATOM   168 O OE2 . GLU A 1 24 ? 2.453   -8.339  6.631   1.00 54.48 ? 24  GLU A OE2 1 
ATOM   169 N N   . VAL A 1 25 ? -0.553  -5.925  6.077   1.00 46.95 ? 25  VAL A N   1 
ATOM   170 C CA  . VAL A 1 25 ? -0.413  -4.509  5.742   1.00 46.44 ? 25  VAL A CA  1 
ATOM   171 C C   . VAL A 1 25 ? -1.765  -3.837  5.463   1.00 46.16 ? 25  VAL A C   1 
ATOM   172 O O   . VAL A 1 25 ? -1.849  -2.616  5.498   1.00 45.06 ? 25  VAL A O   1 
ATOM   173 C CB  . VAL A 1 25 ? 0.567   -4.286  4.560   1.00 46.33 ? 25  VAL A CB  1 
ATOM   174 C CG1 . VAL A 1 25 ? -0.128  -4.456  3.222   1.00 47.39 ? 25  VAL A CG1 1 
ATOM   175 C CG2 . VAL A 1 25 ? 1.229   -2.895  4.657   1.00 46.52 ? 25  VAL A CG2 1 
ATOM   176 N N   . LEU A 1 26 ? -2.819  -4.623  5.214   1.00 46.01 ? 26  LEU A N   1 
ATOM   177 C CA  . LEU A 1 26 ? -4.140  -4.054  4.901   1.00 46.37 ? 26  LEU A CA  1 
ATOM   178 C C   . LEU A 1 26 ? -4.657  -3.129  6.015   1.00 46.53 ? 26  LEU A C   1 
ATOM   179 O O   . LEU A 1 26 ? -5.154  -2.040  5.742   1.00 46.52 ? 26  LEU A O   1 
ATOM   180 C CB  . LEU A 1 26 ? -5.162  -5.161  4.606   1.00 46.36 ? 26  LEU A CB  1 
ATOM   181 C CG  . LEU A 1 26 ? -6.572  -4.719  4.192   1.00 46.21 ? 26  LEU A CG  1 
ATOM   182 C CD1 . LEU A 1 26 ? -6.520  -3.812  2.966   1.00 46.69 ? 26  LEU A CD1 1 
ATOM   183 C CD2 . LEU A 1 26 ? -7.462  -5.924  3.939   1.00 46.06 ? 26  LEU A CD2 1 
ATOM   184 N N   . GLU A 1 27 ? -4.506  -3.559  7.263   1.00 47.09 ? 27  GLU A N   1 
ATOM   185 C CA  . GLU A 1 27 ? -4.914  -2.778  8.437   1.00 47.38 ? 27  GLU A CA  1 
ATOM   186 C C   . GLU A 1 27 ? -4.237  -1.395  8.488   1.00 47.51 ? 27  GLU A C   1 
ATOM   187 O O   . GLU A 1 27 ? -4.812  -0.419  8.995   1.00 47.59 ? 27  GLU A O   1 
ATOM   188 C CB  . GLU A 1 27 ? -4.568  -3.560  9.704   1.00 47.43 ? 27  GLU A CB  1 
ATOM   189 C CG  . GLU A 1 27 ? -4.919  -2.861  11.014  1.00 48.31 ? 27  GLU A CG  1 
ATOM   190 C CD  . GLU A 1 27 ? -4.480  -3.649  12.245  1.00 49.27 ? 27  GLU A CD  1 
ATOM   191 O OE1 . GLU A 1 27 ? -3.362  -4.219  12.231  1.00 52.98 ? 27  GLU A OE1 1 
ATOM   192 O OE2 . GLU A 1 27 ? -5.254  -3.684  13.230  1.00 51.91 ? 27  GLU A OE2 1 
ATOM   193 N N   . ILE A 1 28 ? -3.015  -1.326  7.966   1.00 47.31 ? 28  ILE A N   1 
ATOM   194 C CA  . ILE A 1 28 ? -2.289  -0.073  7.892   1.00 47.26 ? 28  ILE A CA  1 
ATOM   195 C C   . ILE A 1 28 ? -2.826  0.783   6.755   1.00 46.80 ? 28  ILE A C   1 
ATOM   196 O O   . ILE A 1 28 ? -3.097  1.960   6.948   1.00 46.68 ? 28  ILE A O   1 
ATOM   197 C CB  . ILE A 1 28 ? -0.776  -0.309  7.703   1.00 47.25 ? 28  ILE A CB  1 
ATOM   198 C CG1 . ILE A 1 28 ? -0.209  -1.045  8.925   1.00 47.38 ? 28  ILE A CG1 1 
ATOM   199 C CG2 . ILE A 1 28 ? -0.072  1.023   7.497   1.00 47.35 ? 28  ILE A CG2 1 
ATOM   200 C CD1 . ILE A 1 28 ? 1.129   -1.695  8.689   1.00 47.97 ? 28  ILE A CD1 1 
ATOM   201 N N   . LEU A 1 29 ? -2.979  0.181   5.579   1.00 46.66 ? 29  LEU A N   1 
ATOM   202 C CA  . LEU A 1 29 ? -3.416  0.903   4.382   1.00 46.75 ? 29  LEU A CA  1 
ATOM   203 C C   . LEU A 1 29 ? -4.802  1.549   4.521   1.00 46.60 ? 29  LEU A C   1 
ATOM   204 O O   . LEU A 1 29 ? -5.017  2.636   3.985   1.00 45.85 ? 29  LEU A O   1 
ATOM   205 C CB  . LEU A 1 29 ? -3.394  -0.022  3.154   1.00 46.52 ? 29  LEU A CB  1 
ATOM   206 C CG  . LEU A 1 29 ? -2.016  -0.580  2.757   1.00 47.41 ? 29  LEU A CG  1 
ATOM   207 C CD1 . LEU A 1 29 ? -2.138  -1.394  1.455   1.00 48.59 ? 29  LEU A CD1 1 
ATOM   208 C CD2 . LEU A 1 29 ? -0.969  0.508   2.607   1.00 48.44 ? 29  LEU A CD2 1 
ATOM   209 N N   . VAL A 1 30 ? -5.728  0.902   5.239   1.00 46.72 ? 30  VAL A N   1 
ATOM   210 C CA  . VAL A 1 30 ? -7.079  1.456   5.400   1.00 47.13 ? 30  VAL A CA  1 
ATOM   211 C C   . VAL A 1 30 ? -7.085  2.716   6.259   1.00 47.25 ? 30  VAL A C   1 
ATOM   212 O O   . VAL A 1 30 ? -8.022  3.517   6.189   1.00 47.01 ? 30  VAL A O   1 
ATOM   213 C CB  . VAL A 1 30 ? -8.120  0.420   5.970   1.00 47.35 ? 30  VAL A CB  1 
ATOM   214 C CG1 . VAL A 1 30 ? -8.181  -0.830  5.090   1.00 46.46 ? 30  VAL A CG1 1 
ATOM   215 C CG2 . VAL A 1 30 ? -7.831  0.069   7.438   1.00 47.78 ? 30  VAL A CG2 1 
ATOM   216 N N   . GLU A 1 31 ? -6.040  2.885   7.065   1.00 47.75 ? 31  GLU A N   1 
ATOM   217 C CA  . GLU A 1 31 ? -5.833  4.119   7.819   1.00 48.27 ? 31  GLU A CA  1 
ATOM   218 C C   . GLU A 1 31 ? -5.067  5.177   7.009   1.00 48.46 ? 31  GLU A C   1 
ATOM   219 O O   . GLU A 1 31 ? -4.839  6.270   7.510   1.00 48.73 ? 31  GLU A O   1 
ATOM   220 C CB  . GLU A 1 31 ? -5.091  3.820   9.128   1.00 48.56 ? 31  GLU A CB  1 
ATOM   221 C CG  . GLU A 1 31 ? -5.861  2.920   10.095  1.00 50.03 ? 31  GLU A CG  1 
ATOM   222 C CD  . GLU A 1 31 ? -7.166  3.551   10.583  1.00 52.28 ? 31  GLU A CD  1 
ATOM   223 O OE1 . GLU A 1 31 ? -8.169  2.818   10.771  1.00 54.44 ? 31  GLU A OE1 1 
ATOM   224 O OE2 . GLU A 1 31 ? -7.196  4.787   10.772  1.00 54.33 ? 31  GLU A OE2 1 
ATOM   225 N N   . LEU A 1 32 ? -4.685  4.859   5.769   1.00 48.51 ? 32  LEU A N   1 
ATOM   226 C CA  . LEU A 1 32 ? -3.904  5.773   4.922   1.00 48.64 ? 32  LEU A CA  1 
ATOM   227 C C   . LEU A 1 32 ? -4.633  6.164   3.622   1.00 48.80 ? 32  LEU A C   1 
ATOM   228 O O   . LEU A 1 32 ? -4.004  6.584   2.644   1.00 49.11 ? 32  LEU A O   1 
ATOM   229 C CB  . LEU A 1 32 ? -2.558  5.143   4.579   1.00 48.49 ? 32  LEU A CB  1 
ATOM   230 C CG  . LEU A 1 32 ? -1.561  4.943   5.729   1.00 48.55 ? 32  LEU A CG  1 
ATOM   231 C CD1 . LEU A 1 32 ? -0.457  4.037   5.265   1.00 49.39 ? 32  LEU A CD1 1 
ATOM   232 C CD2 . LEU A 1 32 ? -1.005  6.258   6.216   1.00 47.49 ? 32  LEU A CD2 1 
ATOM   233 N N   . GLY A 1 33 ? -5.952  6.028   3.620   1.00 48.82 ? 33  GLY A N   1 
ATOM   234 C CA  . GLY A 1 33 ? -6.782  6.441   2.480   1.00 48.92 ? 33  GLY A CA  1 
ATOM   235 C C   . GLY A 1 33 ? -7.204  5.315   1.552   1.00 48.60 ? 33  GLY A C   1 
ATOM   236 O O   . GLY A 1 33 ? -7.726  5.565   0.471   1.00 48.42 ? 33  GLY A O   1 
ATOM   237 N N   . PHE A 1 34 ? -6.968  4.075   1.961   1.00 48.66 ? 34  PHE A N   1 
ATOM   238 C CA  . PHE A 1 34 ? -7.270  2.912   1.122   1.00 49.11 ? 34  PHE A CA  1 
ATOM   239 C C   . PHE A 1 34 ? -8.368  2.062   1.742   1.00 49.09 ? 34  PHE A C   1 
ATOM   240 O O   . PHE A 1 34 ? -8.454  0.858   1.485   1.00 49.41 ? 34  PHE A O   1 
ATOM   241 C CB  . PHE A 1 34 ? -6.004  2.076   0.884   1.00 48.95 ? 34  PHE A CB  1 
ATOM   242 C CG  . PHE A 1 34 ? -4.961  2.794   0.091   1.00 49.17 ? 34  PHE A CG  1 
ATOM   243 C CD1 . PHE A 1 34 ? -4.971  2.739   -1.293  1.00 48.46 ? 34  PHE A CD1 1 
ATOM   244 C CD2 . PHE A 1 34 ? -3.973  3.547   0.724   1.00 49.01 ? 34  PHE A CD2 1 
ATOM   245 C CE1 . PHE A 1 34 ? -4.014  3.414   -2.035  1.00 48.67 ? 34  PHE A CE1 1 
ATOM   246 C CE2 . PHE A 1 34 ? -3.021  4.224   -0.017  1.00 49.45 ? 34  PHE A CE2 1 
ATOM   247 C CZ  . PHE A 1 34 ? -3.045  4.157   -1.400  1.00 48.97 ? 34  PHE A CZ  1 
ATOM   248 N N   . LYS A 1 35 ? -9.237  2.695   2.523   1.00 49.36 ? 35  LYS A N   1 
ATOM   249 C CA  . LYS A 1 35 ? -10.183 1.937   3.339   1.00 49.64 ? 35  LYS A CA  1 
ATOM   250 C C   . LYS A 1 35 ? -11.310 1.261   2.544   1.00 49.52 ? 35  LYS A C   1 
ATOM   251 O O   . LYS A 1 35 ? -11.829 0.230   2.991   1.00 49.18 ? 35  LYS A O   1 
ATOM   252 C CB  . LYS A 1 35 ? -10.692 2.775   4.527   1.00 50.07 ? 35  LYS A CB  1 
ATOM   253 C CG  . LYS A 1 35 ? -11.976 3.565   4.351   1.00 51.18 ? 35  LYS A CG  1 
ATOM   254 C CD  . LYS A 1 35 ? -13.092 2.989   5.219   1.00 52.96 ? 35  LYS A CD  1 
ATOM   255 C CE  . LYS A 1 35 ? -12.801 3.163   6.720   1.00 53.48 ? 35  LYS A CE  1 
ATOM   256 N NZ  . LYS A 1 35 ? -14.003 2.800   7.553   1.00 53.48 ? 35  LYS A NZ  1 
ATOM   257 N N   . PRO A 1 36 ? -11.680 1.811   1.361   1.00 49.65 ? 36  PRO A N   1 
ATOM   258 C CA  . PRO A 1 36 ? -12.580 1.027   0.508   1.00 49.79 ? 36  PRO A CA  1 
ATOM   259 C C   . PRO A 1 36 ? -11.971 -0.310  0.079   1.00 49.83 ? 36  PRO A C   1 
ATOM   260 O O   . PRO A 1 36 ? -12.692 -1.228  -0.275  1.00 50.27 ? 36  PRO A O   1 
ATOM   261 C CB  . PRO A 1 36 ? -12.798 1.933   -0.716  1.00 49.91 ? 36  PRO A CB  1 
ATOM   262 C CG  . PRO A 1 36 ? -12.440 3.296   -0.261  1.00 49.75 ? 36  PRO A CG  1 
ATOM   263 C CD  . PRO A 1 36 ? -11.367 3.117   0.749   1.00 49.35 ? 36  PRO A CD  1 
ATOM   264 N N   . LEU A 1 37 ? -10.655 -0.433  0.120   1.00 49.74 ? 37  LEU A N   1 
ATOM   265 C CA  . LEU A 1 37 ? -10.033 -1.684  -0.293  1.00 49.94 ? 37  LEU A CA  1 
ATOM   266 C C   . LEU A 1 37 ? -9.985  -2.718  0.839   1.00 49.47 ? 37  LEU A C   1 
ATOM   267 O O   . LEU A 1 37 ? -9.392  -3.767  0.664   1.00 49.45 ? 37  LEU A O   1 
ATOM   268 C CB  . LEU A 1 37 ? -8.631  -1.426  -0.866  1.00 50.28 ? 37  LEU A CB  1 
ATOM   269 C CG  . LEU A 1 37 ? -8.510  -0.307  -1.921  1.00 51.03 ? 37  LEU A CG  1 
ATOM   270 C CD1 . LEU A 1 37 ? -7.298  -0.541  -2.811  1.00 51.11 ? 37  LEU A CD1 1 
ATOM   271 C CD2 . LEU A 1 37 ? -9.739  -0.184  -2.789  1.00 51.68 ? 37  LEU A CD2 1 
ATOM   272 N N   . ALA A 1 38 ? -10.591 -2.420  1.992   1.00 48.98 ? 38  ALA A N   1 
ATOM   273 C CA  . ALA A 1 38 ? -10.745 -3.415  3.065   1.00 48.83 ? 38  ALA A CA  1 
ATOM   274 C C   . ALA A 1 38 ? -11.553 -4.597  2.552   1.00 48.60 ? 38  ALA A C   1 
ATOM   275 O O   . ALA A 1 38 ? -11.239 -5.753  2.849   1.00 49.27 ? 38  ALA A O   1 
ATOM   276 C CB  . ALA A 1 38 ? -11.447 -2.809  4.289   1.00 48.91 ? 38  ALA A CB  1 
ATOM   277 N N   . ASN A 1 39 ? -12.609 -4.290  1.799   1.00 47.98 ? 39  ASN A N   1 
ATOM   278 C CA  . ASN A 1 39 ? -13.445 -5.300  1.171   1.00 47.36 ? 39  ASN A CA  1 
ATOM   279 C C   . ASN A 1 39 ? -12.719 -5.930  -0.031  1.00 46.66 ? 39  ASN A C   1 
ATOM   280 O O   . ASN A 1 39 ? -12.260 -5.206  -0.926  1.00 46.43 ? 39  ASN A O   1 
ATOM   281 C CB  . ASN A 1 39 ? -14.782 -4.681  0.741   1.00 47.47 ? 39  ASN A CB  1 
ATOM   282 C CG  . ASN A 1 39 ? -15.777 -5.718  0.258   1.00 48.44 ? 39  ASN A CG  1 
ATOM   283 O OD1 . ASN A 1 39 ? -15.727 -6.146  -0.895  1.00 50.91 ? 39  ASN A OD1 1 
ATOM   284 N ND2 . ASN A 1 39 ? -16.700 -6.121  1.137   1.00 49.42 ? 39  ASN A ND2 1 
ATOM   285 N N   . PRO A 1 40 ? -12.603 -7.279  -0.048  1.00 45.89 ? 40  PRO A N   1 
ATOM   286 C CA  . PRO A 1 40 ? -11.921 -7.999  -1.124  1.00 45.51 ? 40  PRO A CA  1 
ATOM   287 C C   . PRO A 1 40 ? -12.424 -7.688  -2.524  1.00 45.00 ? 40  PRO A C   1 
ATOM   288 O O   . PRO A 1 40 ? -11.620 -7.576  -3.440  1.00 44.66 ? 40  PRO A O   1 
ATOM   289 C CB  . PRO A 1 40 ? -12.188 -9.467  -0.789  1.00 45.31 ? 40  PRO A CB  1 
ATOM   290 C CG  . PRO A 1 40 ? -12.457 -9.494  0.642   1.00 45.63 ? 40  PRO A CG  1 
ATOM   291 C CD  . PRO A 1 40 ? -13.095 -8.204  0.993   1.00 45.79 ? 40  PRO A CD  1 
ATOM   292 N N   . LEU A 1 41 ? -13.743 -7.580  -2.695  1.00 44.89 ? 41  LEU A N   1 
ATOM   293 C CA  . LEU A 1 41 ? -14.321 -7.294  -4.003  1.00 44.99 ? 41  LEU A CA  1 
ATOM   294 C C   . LEU A 1 41 ? -13.800 -5.952  -4.533  1.00 44.79 ? 41  LEU A C   1 
ATOM   295 O O   . LEU A 1 41 ? -13.370 -5.875  -5.683  1.00 43.98 ? 41  LEU A O   1 
ATOM   296 C CB  . LEU A 1 41 ? -15.857 -7.320  -3.949  1.00 44.73 ? 41  LEU A CB  1 
ATOM   297 C CG  . LEU A 1 41 ? -16.615 -6.997  -5.241  1.00 44.83 ? 41  LEU A CG  1 
ATOM   298 C CD1 . LEU A 1 41 ? -16.214 -7.930  -6.378  1.00 45.10 ? 41  LEU A CD1 1 
ATOM   299 C CD2 . LEU A 1 41 ? -18.103 -7.070  -4.996  1.00 45.04 ? 41  LEU A CD2 1 
ATOM   300 N N   . MET A 1 42 ? -13.808 -4.921  -3.685  1.00 45.19 ? 42  MET A N   1 
ATOM   301 C CA  . MET A 1 42 ? -13.279 -3.599  -4.068  1.00 45.75 ? 42  MET A CA  1 
ATOM   302 C C   . MET A 1 42 ? -11.775 -3.657  -4.316  1.00 46.32 ? 42  MET A C   1 
ATOM   303 O O   . MET A 1 42 ? -11.287 -3.166  -5.330  1.00 46.38 ? 42  MET A O   1 
ATOM   304 C CB  . MET A 1 42 ? -13.538 -2.534  -2.991  1.00 45.83 ? 42  MET A CB  1 
ATOM   305 C CG  . MET A 1 42 ? -14.977 -2.045  -2.787  1.00 45.61 ? 42  MET A CG  1 
ATOM   306 S SD  . MET A 1 42 ? -15.931 -1.479  -4.228  1.00 45.99 ? 42  MET A SD  1 
ATOM   307 C CE  . MET A 1 42 ? -14.611 -0.597  -5.064  1.00 45.15 ? 42  MET A CE  1 
ATOM   308 N N   . ARG A 1 43 ? -11.041 -4.250  -3.378  1.00 46.92 ? 43  ARG A N   1 
ATOM   309 C CA  . ARG A 1 43 ? -9.595  -4.367  -3.513  1.00 47.41 ? 43  ARG A CA  1 
ATOM   310 C C   . ARG A 1 43 ? -9.183  -5.151  -4.763  1.00 47.89 ? 43  ARG A C   1 
ATOM   311 O O   . ARG A 1 43 ? -8.162  -4.846  -5.379  1.00 48.19 ? 43  ARG A O   1 
ATOM   312 C CB  . ARG A 1 43 ? -8.986  -5.024  -2.276  1.00 47.53 ? 43  ARG A CB  1 
ATOM   313 C CG  . ARG A 1 43 ? -7.467  -5.126  -2.320  1.00 47.35 ? 43  ARG A CG  1 
ATOM   314 C CD  . ARG A 1 43 ? -6.886  -5.629  -0.998  1.00 47.82 ? 43  ARG A CD  1 
ATOM   315 N NE  . ARG A 1 43 ? -7.195  -7.034  -0.726  1.00 46.74 ? 43  ARG A NE  1 
ATOM   316 C CZ  . ARG A 1 43 ? -8.135  -7.467  0.112   1.00 47.18 ? 43  ARG A CZ  1 
ATOM   317 N NH1 . ARG A 1 43 ? -8.892  -6.627  0.805   1.00 47.80 ? 43  ARG A NH1 1 
ATOM   318 N NH2 . ARG A 1 43 ? -8.312  -8.771  0.271   1.00 47.98 ? 43  ARG A NH2 1 
ATOM   319 N N   . ASN A 1 44 ? -9.962  -6.156  -5.144  1.00 47.83 ? 44  ASN A N   1 
ATOM   320 C CA  . ASN A 1 44 ? -9.618  -6.940  -6.327  1.00 48.43 ? 44  ASN A CA  1 
ATOM   321 C C   . ASN A 1 44 ? -10.236 -6.406  -7.625  1.00 48.88 ? 44  ASN A C   1 
ATOM   322 O O   . ASN A 1 44 ? -10.141 -7.057  -8.671  1.00 48.85 ? 44  ASN A O   1 
ATOM   323 C CB  . ASN A 1 44 ? -9.937  -8.413  -6.094  1.00 48.32 ? 44  ASN A CB  1 
ATOM   324 C CG  . ASN A 1 44 ? -9.057  -9.033  -5.008  1.00 48.91 ? 44  ASN A CG  1 
ATOM   325 O OD1 . ASN A 1 44 ? -9.517  -9.861  -4.224  1.00 51.21 ? 44  ASN A OD1 1 
ATOM   326 N ND2 . ASN A 1 44 ? -7.784  -8.640  -4.971  1.00 46.89 ? 44  ASN A ND2 1 
ATOM   327 N N   . THR A 1 45 ? -10.853 -5.223  -7.547  1.00 49.34 ? 45  THR A N   1 
ATOM   328 C CA  . THR A 1 45 ? -11.303 -4.478  -8.726  1.00 49.96 ? 45  THR A CA  1 
ATOM   329 C C   . THR A 1 45 ? -10.456 -3.199  -8.872  1.00 50.42 ? 45  THR A C   1 
ATOM   330 O O   . THR A 1 45 ? -9.502  -3.171  -9.662  1.00 50.23 ? 45  THR A O   1 
ATOM   331 C CB  . THR A 1 45 ? -12.824 -4.152  -8.675  1.00 49.92 ? 45  THR A CB  1 
ATOM   332 O OG1 . THR A 1 45 ? -13.149 -3.487  -7.446  1.00 50.02 ? 45  THR A OG1 1 
ATOM   333 C CG2 . THR A 1 45 ? -13.657 -5.425  -8.799  1.00 49.82 ? 45  THR A CG2 1 
ATOM   334 N N   . VAL A 1 46 ? -10.771 -2.162  -8.093  1.00 51.03 ? 46  VAL A N   1 
ATOM   335 C CA  . VAL A 1 46 ? -9.989  -0.914  -8.146  1.00 51.20 ? 46  VAL A CA  1 
ATOM   336 C C   . VAL A 1 46 ? -8.513  -1.131  -7.778  1.00 51.20 ? 46  VAL A C   1 
ATOM   337 O O   . VAL A 1 46 ? -7.631  -0.541  -8.409  1.00 51.20 ? 46  VAL A O   1 
ATOM   338 C CB  . VAL A 1 46 ? -10.606 0.248   -7.284  1.00 51.59 ? 46  VAL A CB  1 
ATOM   339 C CG1 . VAL A 1 46 ? -10.813 -0.156  -5.835  1.00 52.26 ? 46  VAL A CG1 1 
ATOM   340 C CG2 . VAL A 1 46 ? -9.717  1.500   -7.333  1.00 51.87 ? 46  VAL A CG2 1 
ATOM   341 N N   . GLY A 1 47 ? -8.259  -1.980  -6.783  1.00 51.10 ? 47  GLY A N   1 
ATOM   342 C CA  . GLY A 1 47 ? -6.899  -2.266  -6.298  1.00 51.18 ? 47  GLY A CA  1 
ATOM   343 C C   . GLY A 1 47 ? -5.997  -3.017  -7.271  1.00 51.14 ? 47  GLY A C   1 
ATOM   344 O O   . GLY A 1 47 ? -4.776  -3.050  -7.087  1.00 51.36 ? 47  GLY A O   1 
ATOM   345 N N   . ARG A 1 48 ? -6.574  -3.617  -8.314  1.00 51.17 ? 48  ARG A N   1 
ATOM   346 C CA  . ARG A 1 48 ? -5.751  -4.221  -9.370  1.00 51.17 ? 48  ARG A CA  1 
ATOM   347 C C   . ARG A 1 48 ? -5.322  -3.176  -10.438 1.00 50.62 ? 48  ARG A C   1 
ATOM   348 O O   . ARG A 1 48 ? -4.403  -3.411  -11.226 1.00 50.05 ? 48  ARG A O   1 
ATOM   349 C CB  . ARG A 1 48 ? -6.428  -5.475  -9.972  1.00 51.48 ? 48  ARG A CB  1 
ATOM   350 C CG  . ARG A 1 48 ? -5.801  -6.812  -9.479  1.00 53.73 ? 48  ARG A CG  1 
ATOM   351 C CD  . ARG A 1 48 ? -6.741  -7.766  -8.725  1.00 56.77 ? 48  ARG A CD  1 
ATOM   352 N NE  . ARG A 1 48 ? -7.281  -8.810  -9.615  1.00 58.25 ? 48  ARG A NE  1 
ATOM   353 C CZ  . ARG A 1 48 ? -7.726  -10.022 -9.250  1.00 57.94 ? 48  ARG A CZ  1 
ATOM   354 N NH1 . ARG A 1 48 ? -7.743  -10.424 -7.979  1.00 58.08 ? 48  ARG A NH1 1 
ATOM   355 N NH2 . ARG A 1 48 ? -8.169  -10.852 -10.183 1.00 58.74 ? 48  ARG A NH2 1 
ATOM   356 N N   . LYS A 1 49 ? -5.968  -2.014  -10.430 1.00 50.35 ? 49  LYS A N   1 
ATOM   357 C CA  . LYS A 1 49 ? -5.656  -0.939  -11.367 1.00 50.15 ? 49  LYS A CA  1 
ATOM   358 C C   . LYS A 1 49 ? -4.759  0.144   -10.767 1.00 49.83 ? 49  LYS A C   1 
ATOM   359 O O   . LYS A 1 49 ? -4.095  0.888   -11.503 1.00 50.31 ? 49  LYS A O   1 
ATOM   360 C CB  . LYS A 1 49 ? -6.949  -0.273  -11.831 1.00 50.20 ? 49  LYS A CB  1 
ATOM   361 C CG  . LYS A 1 49 ? -7.904  -1.178  -12.567 1.00 50.54 ? 49  LYS A CG  1 
ATOM   362 C CD  . LYS A 1 49 ? -9.291  -0.532  -12.626 1.00 50.94 ? 49  LYS A CD  1 
ATOM   363 C CE  . LYS A 1 49 ? -10.174 -1.168  -13.681 1.00 51.31 ? 49  LYS A CE  1 
ATOM   364 N NZ  . LYS A 1 49 ? -11.586 -0.661  -13.613 1.00 51.86 ? 49  LYS A NZ  1 
ATOM   365 N N   . VAL A 1 50 ? -4.756  0.268   -9.444  1.00 48.95 ? 50  VAL A N   1 
ATOM   366 C CA  . VAL A 1 50 ? -4.077  1.391   -8.808  1.00 48.56 ? 50  VAL A CA  1 
ATOM   367 C C   . VAL A 1 50 ? -2.933  0.899   -7.913  1.00 47.64 ? 50  VAL A C   1 
ATOM   368 O O   . VAL A 1 50 ? -3.089  -0.062  -7.169  1.00 46.75 ? 50  VAL A O   1 
ATOM   369 C CB  . VAL A 1 50 ? -5.104  2.308   -8.046  1.00 48.91 ? 50  VAL A CB  1 
ATOM   370 C CG1 . VAL A 1 50 ? -5.477  1.759   -6.676  1.00 49.60 ? 50  VAL A CG1 1 
ATOM   371 C CG2 . VAL A 1 50 ? -4.567  3.692   -7.898  1.00 49.37 ? 50  VAL A CG2 1 
ATOM   372 N N   . SER A 1 51 ? -1.777  1.546   -8.019  1.00 46.86 ? 51  SER A N   1 
ATOM   373 C CA  . SER A 1 51 ? -0.670  1.299   -7.100  1.00 46.66 ? 51  SER A CA  1 
ATOM   374 C C   . SER A 1 51 ? -0.789  2.199   -5.879  1.00 46.65 ? 51  SER A C   1 
ATOM   375 O O   . SER A 1 51 ? -1.671  3.066   -5.820  1.00 46.47 ? 51  SER A O   1 
ATOM   376 C CB  . SER A 1 51 ? 0.665   1.546   -7.804  1.00 46.17 ? 51  SER A CB  1 
ATOM   377 O OG  . SER A 1 51 ? 0.806   2.896   -8.175  1.00 44.04 ? 51  SER A OG  1 
ATOM   378 N N   . LEU A 1 52 ? 0.088   2.004   -4.897  1.00 46.50 ? 52  LEU A N   1 
ATOM   379 C CA  . LEU A 1 52 ? 0.123   2.909   -3.734  1.00 47.02 ? 52  LEU A CA  1 
ATOM   380 C C   . LEU A 1 52 ? 0.496   4.321   -4.143  1.00 46.80 ? 52  LEU A C   1 
ATOM   381 O O   . LEU A 1 52 ? -0.002  5.295   -3.584  1.00 46.69 ? 52  LEU A O   1 
ATOM   382 C CB  . LEU A 1 52 ? 1.095   2.416   -2.658  1.00 47.16 ? 52  LEU A CB  1 
ATOM   383 C CG  . LEU A 1 52 ? 0.626   1.161   -1.907  1.00 48.00 ? 52  LEU A CG  1 
ATOM   384 C CD1 . LEU A 1 52 ? 1.684   0.727   -0.924  1.00 48.77 ? 52  LEU A CD1 1 
ATOM   385 C CD2 . LEU A 1 52 ? -0.675  1.424   -1.182  1.00 48.69 ? 52  LEU A CD2 1 
ATOM   386 N N   . LYS A 1 53 ? 1.382   4.426   -5.120  1.00 46.74 ? 53  LYS A N   1 
ATOM   387 C CA  . LYS A 1 53 ? 1.797   5.724   -5.624  1.00 47.43 ? 53  LYS A CA  1 
ATOM   388 C C   . LYS A 1 53 ? 0.622   6.438   -6.311  1.00 46.99 ? 53  LYS A C   1 
ATOM   389 O O   . LYS A 1 53 ? 0.352   7.590   -6.020  1.00 46.04 ? 53  LYS A O   1 
ATOM   390 C CB  . LYS A 1 53 ? 2.960   5.538   -6.583  1.00 47.43 ? 53  LYS A CB  1 
ATOM   391 C CG  . LYS A 1 53 ? 3.683   6.795   -6.915  1.00 48.80 ? 53  LYS A CG  1 
ATOM   392 C CD  . LYS A 1 53 ? 4.772   6.551   -7.961  1.00 48.88 ? 53  LYS A CD  1 
ATOM   393 C CE  . LYS A 1 53 ? 5.839   5.610   -7.469  1.00 47.62 ? 53  LYS A CE  1 
ATOM   394 N NZ  . LYS A 1 53 ? 7.018   5.667   -8.365  1.00 47.90 ? 53  LYS A NZ  1 
ATOM   395 N N   . GLN A 1 54 ? -0.073  5.736   -7.206  1.00 47.37 ? 54  GLN A N   1 
ATOM   396 C CA  . GLN A 1 54 ? -1.266  6.274   -7.883  1.00 47.92 ? 54  GLN A CA  1 
ATOM   397 C C   . GLN A 1 54 ? -2.401  6.542   -6.887  1.00 47.82 ? 54  GLN A C   1 
ATOM   398 O O   . GLN A 1 54 ? -2.992  7.623   -6.860  1.00 47.48 ? 54  GLN A O   1 
ATOM   399 C CB  . GLN A 1 54 ? -1.740  5.307   -8.972  1.00 48.12 ? 54  GLN A CB  1 
ATOM   400 C CG  . GLN A 1 54 ? -0.792  5.195   -10.173 1.00 48.71 ? 54  GLN A CG  1 
ATOM   401 C CD  . GLN A 1 54 ? -0.961  3.901   -10.974 1.00 48.62 ? 54  GLN A CD  1 
ATOM   402 O OE1 . GLN A 1 54 ? -1.392  2.872   -10.459 1.00 49.52 ? 54  GLN A OE1 1 
ATOM   403 N NE2 . GLN A 1 54 ? -0.592  3.953   -12.243 1.00 50.38 ? 54  GLN A NE2 1 
ATOM   404 N N   . GLY A 1 55 ? -2.679  5.552   -6.056  1.00 48.22 ? 55  GLY A N   1 
ATOM   405 C CA  . GLY A 1 55 ? -3.702  5.652   -5.034  1.00 49.09 ? 55  GLY A CA  1 
ATOM   406 C C   . GLY A 1 55 ? -3.532  6.798   -4.055  1.00 49.79 ? 55  GLY A C   1 
ATOM   407 O O   . GLY A 1 55 ? -4.519  7.415   -3.658  1.00 50.07 ? 55  GLY A O   1 
ATOM   408 N N   . SER A 1 56 ? -2.296  7.087   -3.661  1.00 50.30 ? 56  SER A N   1 
ATOM   409 C CA  . SER A 1 56 ? -2.026  8.173   -2.719  1.00 50.96 ? 56  SER A CA  1 
ATOM   410 C C   . SER A 1 56 ? -2.400  9.544   -3.293  1.00 51.46 ? 56  SER A C   1 
ATOM   411 O O   . SER A 1 56 ? -2.897  10.428  -2.578  1.00 51.45 ? 56  SER A O   1 
ATOM   412 C CB  . SER A 1 56 ? -0.547  8.161   -2.295  1.00 51.58 ? 56  SER A CB  1 
ATOM   413 O OG  . SER A 1 56 ? 0.314   8.640   -3.321  1.00 52.92 ? 56  SER A OG  1 
ATOM   414 N N   . LYS A 1 57 ? -2.145  9.717   -4.584  1.00 51.63 ? 57  LYS A N   1 
ATOM   415 C CA  . LYS A 1 57 ? -2.512  10.929  -5.291  1.00 51.90 ? 57  LYS A CA  1 
ATOM   416 C C   . LYS A 1 57 ? -4.036  11.069  -5.375  1.00 51.49 ? 57  LYS A C   1 
ATOM   417 O O   . LYS A 1 57 ? -4.575  12.145  -5.150  1.00 51.47 ? 57  LYS A O   1 
ATOM   418 C CB  . LYS A 1 57 ? -1.873  10.935  -6.681  1.00 52.42 ? 57  LYS A CB  1 
ATOM   419 C CG  . LYS A 1 57 ? -0.355  10.815  -6.599  1.00 53.97 ? 57  LYS A CG  1 
ATOM   420 C CD  . LYS A 1 57 ? 0.371   10.935  -7.937  1.00 54.45 ? 57  LYS A CD  1 
ATOM   421 C CE  . LYS A 1 57 ? 1.857   10.547  -7.765  1.00 56.36 ? 57  LYS A CE  1 
ATOM   422 N NZ  . LYS A 1 57 ? 2.647   10.621  -9.042  1.00 57.99 ? 57  LYS A NZ  1 
ATOM   423 N N   . LEU A 1 58 ? -4.724  9.968   -5.659  1.00 51.18 ? 58  LEU A N   1 
ATOM   424 C CA  . LEU A 1 58 ? -6.185  9.963   -5.680  1.00 51.17 ? 58  LEU A CA  1 
ATOM   425 C C   . LEU A 1 58 ? -6.789  10.175  -4.287  1.00 50.98 ? 58  LEU A C   1 
ATOM   426 O O   . LEU A 1 58 ? -7.762  10.912  -4.145  1.00 51.30 ? 58  LEU A O   1 
ATOM   427 C CB  . LEU A 1 58 ? -6.720  8.662   -6.286  1.00 50.83 ? 58  LEU A CB  1 
ATOM   428 C CG  . LEU A 1 58 ? -6.278  8.344   -7.717  1.00 51.13 ? 58  LEU A CG  1 
ATOM   429 C CD1 . LEU A 1 58 ? -6.771  6.966   -8.117  1.00 50.80 ? 58  LEU A CD1 1 
ATOM   430 C CD2 . LEU A 1 58 ? -6.759  9.398   -8.695  1.00 51.95 ? 58  LEU A CD2 1 
ATOM   431 N N   . ALA A 1 59 ? -6.218  9.547   -3.264  1.00 50.77 ? 59  ALA A N   1 
ATOM   432 C CA  . ALA A 1 59 ? -6.762  9.659   -1.902  1.00 50.80 ? 59  ALA A CA  1 
ATOM   433 C C   . ALA A 1 59 ? -6.356  10.949  -1.193  1.00 50.76 ? 59  ALA A C   1 
ATOM   434 O O   . ALA A 1 59 ? -6.875  11.257  -0.117  1.00 50.95 ? 59  ALA A O   1 
ATOM   435 C CB  . ALA A 1 59 ? -6.362  8.464   -1.061  1.00 51.01 ? 59  ALA A CB  1 
ATOM   436 N N   . GLY A 1 60 ? -5.432  11.698  -1.792  1.00 50.41 ? 60  GLY A N   1 
ATOM   437 C CA  . GLY A 1 60 ? -4.893  12.898  -1.173  1.00 50.21 ? 60  GLY A CA  1 
ATOM   438 C C   . GLY A 1 60 ? -4.071  12.631  0.075   1.00 50.00 ? 60  GLY A C   1 
ATOM   439 O O   . GLY A 1 60 ? -4.043  13.475  0.973   1.00 50.08 ? 60  GLY A O   1 
ATOM   440 N N   . THR A 1 61 ? -3.427  11.459  0.137   1.00 49.60 ? 61  THR A N   1 
ATOM   441 C CA  . THR A 1 61 ? -2.460  11.138  1.189   1.00 49.35 ? 61  THR A CA  1 
ATOM   442 C C   . THR A 1 61 ? -1.039  11.369  0.648   1.00 48.84 ? 61  THR A C   1 
ATOM   443 O O   . THR A 1 61 ? -0.644  10.737  -0.337  1.00 48.79 ? 61  THR A O   1 
ATOM   444 C CB  . THR A 1 61 ? -2.562  9.659   1.662   1.00 49.28 ? 61  THR A CB  1 
ATOM   445 O OG1 . THR A 1 61 ? -3.912  9.350   2.025   1.00 50.36 ? 61  THR A OG1 1 
ATOM   446 C CG2 . THR A 1 61 ? -1.652  9.413   2.871   1.00 49.58 ? 61  THR A CG2 1 
ATOM   447 N N   . PRO A 1 62 ? -0.268  12.267  1.281   1.00 48.34 ? 62  PRO A N   1 
ATOM   448 C CA  . PRO A 1 62 ? 1.110   12.486  0.826   1.00 48.08 ? 62  PRO A CA  1 
ATOM   449 C C   . PRO A 1 62 ? 1.943   11.211  0.903   1.00 47.22 ? 62  PRO A C   1 
ATOM   450 O O   . PRO A 1 62 ? 1.818   10.452  1.860   1.00 45.96 ? 62  PRO A O   1 
ATOM   451 C CB  . PRO A 1 62 ? 1.650   13.545  1.795   1.00 47.96 ? 62  PRO A CB  1 
ATOM   452 C CG  . PRO A 1 62 ? 0.465   14.163  2.401   1.00 48.48 ? 62  PRO A CG  1 
ATOM   453 C CD  . PRO A 1 62 ? -0.602  13.113  2.435   1.00 48.49 ? 62  PRO A CD  1 
ATOM   454 N N   . MET A 1 63 ? 2.766   10.966  -0.111  1.00 47.68 ? 63  MET A N   1 
ATOM   455 C CA  . MET A 1 63 ? 3.606   9.766   -0.118  1.00 47.96 ? 63  MET A CA  1 
ATOM   456 C C   . MET A 1 63 ? 4.504   9.687   1.109   1.00 47.76 ? 63  MET A C   1 
ATOM   457 O O   . MET A 1 63 ? 4.692   8.612   1.655   1.00 47.95 ? 63  MET A O   1 
ATOM   458 C CB  . MET A 1 63 ? 4.462   9.676   -1.393  1.00 48.34 ? 63  MET A CB  1 
ATOM   459 C CG  . MET A 1 63 ? 5.229   8.325   -1.554  1.00 49.78 ? 63  MET A CG  1 
ATOM   460 S SD  . MET A 1 63 ? 4.270   6.786   -1.203  1.00 54.17 ? 63  MET A SD  1 
ATOM   461 C CE  . MET A 1 63 ? 2.730   7.208   -1.955  1.00 51.09 ? 63  MET A CE  1 
ATOM   462 N N   . ASP A 1 64 ? 5.058   10.812  1.545   1.00 47.24 ? 64  ASP A N   1 
ATOM   463 C CA  . ASP A 1 64 ? 5.898   10.805  2.747   1.00 47.29 ? 64  ASP A CA  1 
ATOM   464 C C   . ASP A 1 64 ? 5.171   10.215  3.965   1.00 46.20 ? 64  ASP A C   1 
ATOM   465 O O   . ASP A 1 64 ? 5.769   9.513   4.761   1.00 45.56 ? 64  ASP A O   1 
ATOM   466 C CB  . ASP A 1 64 ? 6.420   12.211  3.063   1.00 48.04 ? 64  ASP A CB  1 
ATOM   467 C CG  . ASP A 1 64 ? 7.327   12.769  1.955   1.00 52.49 ? 64  ASP A CG  1 
ATOM   468 O OD1 . ASP A 1 64 ? 7.705   13.973  2.013   1.00 57.48 ? 64  ASP A OD1 1 
ATOM   469 O OD2 . ASP A 1 64 ? 7.658   12.005  1.015   1.00 58.64 ? 64  ASP A OD2 1 
ATOM   470 N N   . LYS A 1 65 ? 3.882   10.505  4.100   1.00 45.27 ? 65  LYS A N   1 
ATOM   471 C CA  . LYS A 1 65 ? 3.066   9.976   5.190   1.00 44.99 ? 65  LYS A CA  1 
ATOM   472 C C   . LYS A 1 65 ? 2.973   8.448   5.084   1.00 44.35 ? 65  LYS A C   1 
ATOM   473 O O   . LYS A 1 65 ? 3.114   7.748   6.077   1.00 43.61 ? 65  LYS A O   1 
ATOM   474 C CB  . LYS A 1 65 ? 1.675   10.631  5.152   1.00 45.56 ? 65  LYS A CB  1 
ATOM   475 C CG  . LYS A 1 65 ? 0.597   10.011  6.039   1.00 46.29 ? 65  LYS A CG  1 
ATOM   476 C CD  . LYS A 1 65 ? 0.504   10.676  7.394   1.00 47.36 ? 65  LYS A CD  1 
ATOM   477 C CE  . LYS A 1 65 ? -0.674  10.137  8.191   1.00 47.29 ? 65  LYS A CE  1 
ATOM   478 N NZ  . LYS A 1 65 ? -0.445  10.358  9.646   1.00 48.10 ? 65  LYS A NZ  1 
ATOM   479 N N   . ILE A 1 66 ? 2.753   7.947   3.870   1.00 43.70 ? 66  ILE A N   1 
ATOM   480 C CA  . ILE A 1 66 ? 2.687   6.517   3.619   1.00 43.91 ? 66  ILE A CA  1 
ATOM   481 C C   . ILE A 1 66 ? 4.005   5.826   3.879   1.00 43.15 ? 66  ILE A C   1 
ATOM   482 O O   . ILE A 1 66 ? 4.024   4.782   4.516   1.00 42.64 ? 66  ILE A O   1 
ATOM   483 C CB  . ILE A 1 66 ? 2.222   6.218   2.169   1.00 44.59 ? 66  ILE A CB  1 
ATOM   484 C CG1 . ILE A 1 66 ? 0.740   6.590   2.028   1.00 44.22 ? 66  ILE A CG1 1 
ATOM   485 C CG2 . ILE A 1 66 ? 2.457   4.734   1.809   1.00 44.09 ? 66  ILE A CG2 1 
ATOM   486 C CD1 . ILE A 1 66 ? 0.309   6.894   0.644   1.00 44.78 ? 66  ILE A CD1 1 
ATOM   487 N N   . VAL A 1 67 ? 5.104   6.412   3.395   1.00 42.41 ? 67  VAL A N   1 
ATOM   488 C CA  . VAL A 1 67 ? 6.429   5.829   3.595   1.00 42.01 ? 67  VAL A CA  1 
ATOM   489 C C   . VAL A 1 67 ? 6.800   5.788   5.082   1.00 41.10 ? 67  VAL A C   1 
ATOM   490 O O   . VAL A 1 67 ? 7.223   4.755   5.579   1.00 40.54 ? 67  VAL A O   1 
ATOM   491 C CB  . VAL A 1 67 ? 7.511   6.532   2.750   1.00 42.16 ? 67  VAL A CB  1 
ATOM   492 C CG1 . VAL A 1 67 ? 8.906   5.983   3.070   1.00 42.60 ? 67  VAL A CG1 1 
ATOM   493 C CG2 . VAL A 1 67 ? 7.213   6.328   1.265   1.00 42.69 ? 67  VAL A CG2 1 
ATOM   494 N N   . ARG A 1 68 ? 6.579   6.886   5.792   1.00 40.42 ? 68  ARG A N   1 
ATOM   495 C CA  . ARG A 1 68 ? 6.846   6.948   7.244   1.00 40.07 ? 68  ARG A CA  1 
ATOM   496 C C   . ARG A 1 68 ? 6.064   5.882   8.008   1.00 39.90 ? 68  ARG A C   1 
ATOM   497 O O   . ARG A 1 68 ? 6.592   5.196   8.876   1.00 39.61 ? 68  ARG A O   1 
ATOM   498 C CB  . ARG A 1 68 ? 6.408   8.292   7.813   1.00 39.27 ? 68  ARG A CB  1 
ATOM   499 C CG  . ARG A 1 68 ? 7.325   9.441   7.546   1.00 39.90 ? 68  ARG A CG  1 
ATOM   500 C CD  . ARG A 1 68 ? 6.753   10.725  8.176   1.00 37.83 ? 68  ARG A CD  1 
ATOM   501 N NE  . ARG A 1 68 ? 7.833   11.259  8.954   1.00 42.24 ? 68  ARG A NE  1 
ATOM   502 C CZ  . ARG A 1 68 ? 7.855   11.454  10.257  1.00 38.90 ? 68  ARG A CZ  1 
ATOM   503 N NH1 . ARG A 1 68 ? 6.802   11.308  11.041  1.00 38.37 ? 68  ARG A NH1 1 
ATOM   504 N NH2 . ARG A 1 68 ? 8.966   11.895  10.753  1.00 42.52 ? 68  ARG A NH2 1 
ATOM   505 N N   . THR A 1 69 ? 4.783   5.792   7.693   1.00 39.76 ? 69  THR A N   1 
ATOM   506 C CA  . THR A 1 69 ? 3.886   4.851   8.370   1.00 40.22 ? 69  THR A CA  1 
ATOM   507 C C   . THR A 1 69 ? 4.319   3.407   8.125   1.00 39.85 ? 69  THR A C   1 
ATOM   508 O O   . THR A 1 69 ? 4.405   2.606   9.059   1.00 39.83 ? 69  THR A O   1 
ATOM   509 C CB  . THR A 1 69 ? 2.430   5.055   7.916   1.00 39.77 ? 69  THR A CB  1 
ATOM   510 O OG1 . THR A 1 69 ? 2.059   6.424   8.108   1.00 39.95 ? 69  THR A OG1 1 
ATOM   511 C CG2 . THR A 1 69 ? 1.486   4.166   8.716   1.00 40.11 ? 69  THR A CG2 1 
ATOM   512 N N   . LEU A 1 70 ? 4.623   3.093   6.872   1.00 39.78 ? 70  LEU A N   1 
ATOM   513 C CA  . LEU A 1 70 ? 5.073   1.758   6.533   1.00 40.44 ? 70  LEU A CA  1 
ATOM   514 C C   . LEU A 1 70 ? 6.384   1.405   7.213   1.00 40.40 ? 70  LEU A C   1 
ATOM   515 O O   . LEU A 1 70 ? 6.505   0.326   7.790   1.00 40.39 ? 70  LEU A O   1 
ATOM   516 C CB  . LEU A 1 70 ? 5.165   1.583   5.011   1.00 40.62 ? 70  LEU A CB  1 
ATOM   517 C CG  . LEU A 1 70 ? 3.827   1.511   4.258   1.00 41.62 ? 70  LEU A CG  1 
ATOM   518 C CD1 . LEU A 1 70 ? 4.071   1.528   2.736   1.00 42.31 ? 70  LEU A CD1 1 
ATOM   519 C CD2 . LEU A 1 70 ? 3.024   0.278   4.662   1.00 41.10 ? 70  LEU A CD2 1 
ATOM   520 N N   . GLU A 1 71 ? 7.365   2.313   7.171   1.00 41.26 ? 71  GLU A N   1 
ATOM   521 C CA  . GLU A 1 71 ? 8.626   2.100   7.891   1.00 41.42 ? 71  GLU A CA  1 
ATOM   522 C C   . GLU A 1 71 ? 8.420   1.930   9.399   1.00 40.82 ? 71  GLU A C   1 
ATOM   523 O O   . GLU A 1 71 ? 9.017   1.059   9.991   1.00 40.62 ? 71  GLU A O   1 
ATOM   524 C CB  . GLU A 1 71 ? 9.614   3.217   7.598   1.00 41.74 ? 71  GLU A CB  1 
ATOM   525 C CG  . GLU A 1 71 ? 10.053  3.252   6.143   1.00 43.58 ? 71  GLU A CG  1 
ATOM   526 C CD  . GLU A 1 71 ? 11.137  4.283   5.871   1.00 44.61 ? 71  GLU A CD  1 
ATOM   527 O OE1 . GLU A 1 71 ? 11.189  5.333   6.552   1.00 48.78 ? 71  GLU A OE1 1 
ATOM   528 O OE2 . GLU A 1 71 ? 11.942  4.047   4.949   1.00 50.65 ? 71  GLU A OE2 1 
ATOM   529 N N   . ALA A 1 72 ? 7.555   2.742   10.000  1.00 40.97 ? 72  ALA A N   1 
ATOM   530 C CA  . ALA A 1 72 ? 7.226   2.633   11.433  1.00 41.43 ? 72  ALA A CA  1 
ATOM   531 C C   . ALA A 1 72 ? 6.569   1.308   11.831  1.00 41.56 ? 72  ALA A C   1 
ATOM   532 O O   . ALA A 1 72 ? 6.551   0.969   12.995  1.00 41.77 ? 72  ALA A O   1 
ATOM   533 C CB  . ALA A 1 72 ? 6.310   3.772   11.849  1.00 41.28 ? 72  ALA A CB  1 
ATOM   534 N N   . ASN A 1 73 ? 5.984   0.596   10.878  1.00 42.08 ? 73  ASN A N   1 
ATOM   535 C CA  . ASN A 1 73 ? 5.359   -0.693  11.146  1.00 42.51 ? 73  ASN A CA  1 
ATOM   536 C C   . ASN A 1 73 ? 6.195   -1.882  10.636  1.00 42.93 ? 73  ASN A C   1 
ATOM   537 O O   . ASN A 1 73 ? 5.706   -3.004  10.549  1.00 43.59 ? 73  ASN A O   1 
ATOM   538 C CB  . ASN A 1 73 ? 3.951   -0.703  10.563  1.00 42.20 ? 73  ASN A CB  1 
ATOM   539 C CG  . ASN A 1 73 ? 2.984   0.161   11.359  1.00 42.32 ? 73  ASN A CG  1 
ATOM   540 O OD1 . ASN A 1 73 ? 2.470   -0.261  12.405  1.00 41.88 ? 73  ASN A OD1 1 
ATOM   541 N ND2 . ASN A 1 73 ? 2.729   1.381   10.870  1.00 40.49 ? 73  ASN A ND2 1 
ATOM   542 N N   . GLY A 1 74 ? 7.451   -1.633  10.296  1.00 43.37 ? 74  GLY A N   1 
ATOM   543 C CA  . GLY A 1 74 ? 8.402   -2.708  10.010  1.00 43.96 ? 74  GLY A CA  1 
ATOM   544 C C   . GLY A 1 74 ? 8.743   -2.962  8.548   1.00 44.50 ? 74  GLY A C   1 
ATOM   545 O O   . GLY A 1 74 ? 9.517   -3.877  8.239   1.00 45.15 ? 74  GLY A O   1 
ATOM   546 N N   . TYR A 1 75 ? 8.207   -2.155  7.645   1.00 44.33 ? 75  TYR A N   1 
ATOM   547 C CA  . TYR A 1 75 ? 8.395   -2.394  6.224   1.00 44.56 ? 75  TYR A CA  1 
ATOM   548 C C   . TYR A 1 75 ? 9.521   -1.558  5.641   1.00 44.66 ? 75  TYR A C   1 
ATOM   549 O O   . TYR A 1 75 ? 9.812   -0.472  6.113   1.00 45.04 ? 75  TYR A O   1 
ATOM   550 C CB  . TYR A 1 75 ? 7.093   -2.154  5.468   1.00 44.57 ? 75  TYR A CB  1 
ATOM   551 C CG  . TYR A 1 75 ? 5.984   -3.080  5.906   1.00 44.78 ? 75  TYR A CG  1 
ATOM   552 C CD1 . TYR A 1 75 ? 5.837   -4.339  5.325   1.00 44.49 ? 75  TYR A CD1 1 
ATOM   553 C CD2 . TYR A 1 75 ? 5.095   -2.709  6.903   1.00 44.73 ? 75  TYR A CD2 1 
ATOM   554 C CE1 . TYR A 1 75 ? 4.829   -5.198  5.727   1.00 45.58 ? 75  TYR A CE1 1 
ATOM   555 C CE2 . TYR A 1 75 ? 4.095   -3.560  7.323   1.00 45.76 ? 75  TYR A CE2 1 
ATOM   556 C CZ  . TYR A 1 75 ? 3.963   -4.806  6.733   1.00 45.32 ? 75  TYR A CZ  1 
ATOM   557 O OH  . TYR A 1 75 ? 2.958   -5.649  7.126   1.00 46.10 ? 75  TYR A OH  1 
ATOM   558 N N   . GLU A 1 76 ? 10.144  -2.098  4.604   1.00 45.17 ? 76  GLU A N   1 
ATOM   559 C CA  . GLU A 1 76 ? 11.068  -1.381  3.763   1.00 45.72 ? 76  GLU A CA  1 
ATOM   560 C C   . GLU A 1 76 ? 10.386  -1.063  2.450   1.00 45.40 ? 76  GLU A C   1 
ATOM   561 O O   . GLU A 1 76 ? 9.842   -1.946  1.811   1.00 44.67 ? 76  GLU A O   1 
ATOM   562 C CB  . GLU A 1 76 ? 12.297  -2.253  3.512   1.00 47.00 ? 76  GLU A CB  1 
ATOM   563 C CG  . GLU A 1 76 ? 13.560  -1.463  3.323   1.00 51.28 ? 76  GLU A CG  1 
ATOM   564 C CD  . GLU A 1 76 ? 13.989  -0.752  4.609   1.00 54.90 ? 76  GLU A CD  1 
ATOM   565 O OE1 . GLU A 1 76 ? 14.177  -1.437  5.647   1.00 57.87 ? 76  GLU A OE1 1 
ATOM   566 O OE2 . GLU A 1 76 ? 14.111  0.486   4.567   1.00 56.92 ? 76  GLU A OE2 1 
ATOM   567 N N   . VAL A 1 77 ? 10.442  0.203   2.032   1.00 45.22 ? 77  VAL A N   1 
ATOM   568 C CA  . VAL A 1 77 ? 9.700   0.657   0.886   1.00 45.00 ? 77  VAL A CA  1 
ATOM   569 C C   . VAL A 1 77 ? 10.586  0.800   -0.346  1.00 44.77 ? 77  VAL A C   1 
ATOM   570 O O   . VAL A 1 77 ? 11.671  1.337   -0.266  1.00 44.43 ? 77  VAL A O   1 
ATOM   571 C CB  . VAL A 1 77 ? 9.025   1.984   1.202   1.00 45.41 ? 77  VAL A CB  1 
ATOM   572 C CG1 . VAL A 1 77 ? 8.255   2.492   -0.007  1.00 46.06 ? 77  VAL A CG1 1 
ATOM   573 C CG2 . VAL A 1 77 ? 8.101   1.819   2.412   1.00 46.27 ? 77  VAL A CG2 1 
ATOM   574 N N   . ILE A 1 78 ? 10.108  0.325   -1.493  1.00 44.46 ? 78  ILE A N   1 
ATOM   575 C CA  . ILE A 1 78 ? 10.833  0.487   -2.751  1.00 44.57 ? 78  ILE A CA  1 
ATOM   576 C C   . ILE A 1 78 ? 9.881   1.016   -3.808  1.00 44.52 ? 78  ILE A C   1 
ATOM   577 O O   . ILE A 1 78 ? 8.693   1.133   -3.554  1.00 44.18 ? 78  ILE A O   1 
ATOM   578 C CB  . ILE A 1 78 ? 11.517  -0.838  -3.215  1.00 44.08 ? 78  ILE A CB  1 
ATOM   579 C CG1 . ILE A 1 78 ? 10.490  -1.927  -3.551  1.00 43.61 ? 78  ILE A CG1 1 
ATOM   580 C CG2 . ILE A 1 78 ? 12.484  -1.350  -2.134  1.00 43.56 ? 78  ILE A CG2 1 
ATOM   581 C CD1 . ILE A 1 78 ? 11.121  -3.171  -4.156  1.00 43.66 ? 78  ILE A CD1 1 
ATOM   582 N N   . GLY A 1 79 ? 10.414  1.341   -4.980  1.00 45.06 ? 79  GLY A N   1 
ATOM   583 C CA  . GLY A 1 79 ? 9.612   1.795   -6.108  1.00 46.36 ? 79  GLY A CA  1 
ATOM   584 C C   . GLY A 1 79 ? 9.178   3.254   -6.077  1.00 46.82 ? 79  GLY A C   1 
ATOM   585 O O   . GLY A 1 79 ? 8.284   3.646   -6.825  1.00 46.69 ? 79  GLY A O   1 
ATOM   586 N N   . LEU A 1 80 ? 9.792   4.040   -5.198  1.00 48.11 ? 80  LEU A N   1 
ATOM   587 C CA  . LEU A 1 80 ? 9.579   5.494   -5.117  1.00 49.70 ? 80  LEU A CA  1 
ATOM   588 C C   . LEU A 1 80 ? 10.084  6.224   -6.358  1.00 50.63 ? 80  LEU A C   1 
ATOM   589 O O   . LEU A 1 80 ? 10.969  5.722   -7.048  1.00 50.64 ? 80  LEU A O   1 
ATOM   590 C CB  . LEU A 1 80 ? 10.347  6.048   -3.904  1.00 50.18 ? 80  LEU A CB  1 
ATOM   591 C CG  . LEU A 1 80 ? 9.725   6.223   -2.506  1.00 51.19 ? 80  LEU A CG  1 
ATOM   592 C CD1 . LEU A 1 80 ? 8.283   5.871   -2.432  1.00 52.49 ? 80  LEU A CD1 1 
ATOM   593 C CD2 . LEU A 1 80 ? 10.496  5.460   -1.461  1.00 51.13 ? 80  LEU A CD2 1 
ATOM   594 N N   . ASP A 1 81 ? 9.548   7.422   -6.627  1.00 51.91 ? 81  ASP A N   1 
ATOM   595 C CA  . ASP A 1 81 ? 10.091  8.300   -7.687  1.00 52.58 ? 81  ASP A CA  1 
ATOM   596 C C   . ASP A 1 81 ? 11.469  8.852   -7.285  1.00 53.48 ? 81  ASP A C   1 
ATOM   597 O O   . ASP A 1 81 ? 11.855  8.807   -6.106  1.00 54.36 ? 81  ASP A O   1 
ATOM   598 C CB  . ASP A 1 81 ? 9.160   9.494   -7.982  1.00 53.31 ? 81  ASP A CB  1 
ATOM   599 C CG  . ASP A 1 81 ? 7.866   9.090   -8.683  1.00 54.95 ? 81  ASP A CG  1 
ATOM   600 O OD1 . ASP A 1 81 ? 7.748   7.932   -9.139  1.00 58.15 ? 81  ASP A OD1 1 
ATOM   601 O OD2 . ASP A 1 81 ? 6.950   9.941   -8.782  1.00 58.76 ? 81  ASP A OD2 1 
HETATM 602 O O   . HOH B 2 .  ? 9.898   13.178  12.444  1.00 18.78 ? 82  HOH A O   1 
HETATM 603 O O   . HOH B 2 .  ? 1.843   -0.463  -4.633  1.00 38.69 ? 83  HOH A O   1 
HETATM 604 O O   . HOH B 2 .  ? 2.873   3.655   -9.932  1.00 37.21 ? 84  HOH A O   1 
HETATM 605 O O   . HOH B 2 .  ? 12.707  3.408   -3.756  1.00 31.88 ? 85  HOH A O   1 
HETATM 606 O O   . HOH B 2 .  ? -6.042  -8.224  -3.010  1.00 50.42 ? 86  HOH A O   1 
HETATM 607 O O   . HOH B 2 .  ? 14.432  0.813   0.642   1.00 57.67 ? 87  HOH A O   1 
HETATM 608 O O   . HOH B 2 .  ? 2.803   6.723   -10.864 1.00 54.68 ? 88  HOH A O   1 
HETATM 609 O O   . HOH B 2 .  ? -9.364  7.527   0.652   1.00 65.27 ? 89  HOH A O   1 
HETATM 610 O O   . HOH B 2 .  ? -9.647  5.926   3.774   1.00 62.97 ? 90  HOH A O   1 
HETATM 611 O O   . HOH B 2 .  ? 4.165   -8.032  -3.829  1.00 55.18 ? 91  HOH A O   1 
HETATM 612 O O   . HOH B 2 .  ? -5.041  -9.684  -6.482  1.00 58.47 ? 92  HOH A O   1 
HETATM 613 O O   . HOH B 2 .  ? 13.260  7.121   7.008   1.00 52.16 ? 93  HOH A O   1 
HETATM 614 O O   . HOH B 2 .  ? 4.723   -9.233  5.740   1.00 59.61 ? 94  HOH A O   1 
HETATM 615 O O   . HOH B 2 .  ? 9.721   -11.650 -3.573  1.00 61.33 ? 95  HOH A O   1 
HETATM 616 O O   . HOH B 2 .  ? 4.897   -11.452 4.607   1.00 64.45 ? 96  HOH A O   1 
HETATM 617 O O   . HOH B 2 .  ? 13.179  1.122   -5.687  1.00 56.79 ? 97  HOH A O   1 
HETATM 618 O O   . HOH B 2 .  ? 9.492   0.365   -9.505  1.00 71.24 ? 98  HOH A O   1 
HETATM 619 O O   . HOH B 2 .  ? 12.428  3.981   1.185   1.00 56.99 ? 99  HOH A O   1 
HETATM 620 O O   . HOH B 2 .  ? 9.067   -9.107  0.838   1.00 28.19 ? 100 HOH A O   1 
HETATM 621 O O   . HOH B 2 .  ? 12.106  2.043   3.453   1.00 47.79 ? 101 HOH A O   1 
HETATM 622 O O   . HOH B 2 .  ? -10.902 1.908   -10.136 1.00 66.67 ? 102 HOH A O   1 
HETATM 623 O O   . HOH B 2 .  ? 11.555  -5.141  6.322   1.00 52.93 ? 103 HOH A O   1 
HETATM 624 O O   . HOH B 2 .  ? -1.311  -10.697 -6.306  1.00 56.16 ? 104 HOH A O   1 
HETATM 625 O O   . HOH B 2 .  ? 6.028   4.387   -10.598 1.00 55.78 ? 105 HOH A O   1 
HETATM 626 O O   . HOH B 2 .  ? 13.338  -10.449 -0.467  1.00 56.76 ? 106 HOH A O   1 
HETATM 627 O O   . HOH B 2 .  ? -1.353  0.030   -11.155 1.00 66.94 ? 107 HOH A O   1 
HETATM 628 O O   . HOH B 2 .  ? 7.758   -10.639 4.401   1.00 62.36 ? 108 HOH A O   1 
HETATM 629 O O   . HOH B 2 .  ? 7.315   -10.258 -5.885  1.00 69.06 ? 109 HOH A O   1 
HETATM 630 O O   . HOH B 2 .  ? -4.327  -6.403  7.876   1.00 59.48 ? 110 HOH A O   1 
HETATM 631 O O   . HOH B 2 .  ? 9.198   -2.401  -9.428  1.00 63.84 ? 111 HOH A O   1 
HETATM 632 O O   . HOH B 2 .  ? 8.964   9.785   3.960   1.00 53.82 ? 112 HOH A O   1 
HETATM 633 O O   . HOH B 2 .  ? -8.785  9.447   2.604   1.00 77.77 ? 113 HOH A O   1 
HETATM 634 O O   . HOH B 2 .  ? 8.413   -5.351  -6.710  1.00 50.29 ? 114 HOH A O   1 
HETATM 635 O O   . HOH B 2 .  ? 9.957   9.169   1.504   1.00 55.26 ? 115 HOH A O   1 
HETATM 636 O O   . HOH B 2 .  ? -0.875  8.934   -10.766 1.00 57.51 ? 116 HOH A O   1 
HETATM 637 O O   . HOH B 2 .  ? 10.380  8.296   5.651   1.00 64.50 ? 117 HOH A O   1 
HETATM 638 O O   . HOH B 2 .  ? 2.998   13.014  -2.496  1.00 53.84 ? 118 HOH A O   1 
HETATM 639 O O   . HOH B 2 .  ? 8.169   9.694   -0.341  1.00 55.07 ? 119 HOH A O   1 
HETATM 640 O O   . HOH B 2 .  ? 1.164   11.037  -3.590  1.00 70.61 ? 120 HOH A O   1 
HETATM 641 O O   . HOH B 2 .  ? -3.057  8.665   -9.333  1.00 54.17 ? 121 HOH A O   1 
HETATM 642 O O   . HOH B 2 .  ? 1.320   8.297   -9.516  1.00 63.02 ? 122 HOH A O   1 
HETATM 643 O O   . HOH B 2 .  ? 0.634   -14.460 0.834   1.00 58.58 ? 123 HOH A O   1 
HETATM 644 O O   . HOH B 2 .  ? 7.037   8.397   -4.968  1.00 42.27 ? 124 HOH A O   1 
HETATM 645 O O   . HOH B 2 .  ? 8.163   9.919   -2.970  1.00 72.34 ? 125 HOH A O   1 
HETATM 646 O O   . HOH B 2 .  ? 11.197  9.402   -3.189  1.00 76.43 ? 126 HOH A O   1 
HETATM 647 O O   . HOH B 2 .  ? 3.896   10.394  10.041  1.00 42.97 ? 127 HOH A O   1 
HETATM 648 O O   . HOH B 2 .  ? -7.030  -0.164  11.153  1.00 61.78 ? 128 HOH A O   1 
HETATM 649 O O   . HOH B 2 .  ? 3.236   13.645  -7.606  1.00 77.38 ? 129 HOH A O   1 
HETATM 650 O O   . HOH B 2 .  ? -9.956  -8.708  3.000   1.00 52.14 ? 130 HOH A O   1 
HETATM 651 O O   . HOH B 2 .  ? 5.031   13.647  0.157   1.00 51.36 ? 131 HOH A O   1 
HETATM 652 O O   . HOH B 2 .  ? 3.652   10.281  -11.996 1.00 73.25 ? 132 HOH A O   1 
HETATM 653 O O   . HOH B 2 .  ? 14.175  -9.027  6.784   1.00 55.06 ? 133 HOH A O   1 
HETATM 654 O O   . HOH B 2 .  ? 4.691   9.849   -5.525  1.00 57.91 ? 134 HOH A O   1 
HETATM 655 O O   . HOH B 2 .  ? -15.121 -1.454  0.285   1.00 72.83 ? 135 HOH A O   1 
HETATM 656 O O   . HOH B 2 .  ? 7.365   -11.981 1.045   1.00 75.16 ? 136 HOH A O   1 
HETATM 657 O O   . HOH B 2 .  ? -7.678  5.994   5.619   1.00 63.12 ? 137 HOH A O   1 
HETATM 658 O O   . HOH B 2 .  ? -3.574  -8.913  -8.026  1.00 58.64 ? 138 HOH A O   1 
# 
